data_2M96
#
_entry.id   2M96
#
loop_
_entity.id
_entity.type
_entity.pdbx_description
1 polymer 'Relaxin receptor 2'
2 non-polymer 'CALCIUM ION'
#
_entity_poly.entity_id   1
_entity_poly.type   'polypeptide(L)'
_entity_poly.pdbx_seq_one_letter_code
;GSMITPSCQKGYFPCGNLTKCLPRAFHCDGKDDCGNGADEENCG
;
_entity_poly.pdbx_strand_id   A
#
# COMPACT_ATOMS: atom_id res chain seq x y z
N GLY A 1 6.40 22.90 7.56
CA GLY A 1 6.12 21.74 8.39
C GLY A 1 5.00 20.89 7.82
N SER A 2 5.30 19.61 7.55
CA SER A 2 4.30 18.70 7.01
C SER A 2 4.55 17.28 7.50
N MET A 3 3.74 16.85 8.46
CA MET A 3 3.86 15.51 9.03
C MET A 3 2.62 14.68 8.73
N ILE A 4 2.56 14.13 7.52
CA ILE A 4 1.43 13.31 7.11
C ILE A 4 1.56 11.88 7.64
N THR A 5 0.44 11.30 8.02
CA THR A 5 0.43 9.93 8.55
C THR A 5 -0.54 9.05 7.76
N PRO A 6 -0.34 7.73 7.85
CA PRO A 6 -1.18 6.75 7.16
C PRO A 6 -2.59 6.68 7.74
N SER A 7 -3.44 5.89 7.11
CA SER A 7 -4.83 5.74 7.56
C SER A 7 -5.26 4.28 7.50
N CYS A 8 -4.34 3.38 7.85
CA CYS A 8 -4.62 1.95 7.84
C CYS A 8 -4.00 1.25 9.04
N GLN A 9 -4.46 0.04 9.33
CA GLN A 9 -3.94 -0.73 10.46
C GLN A 9 -3.66 -2.16 10.05
N LYS A 10 -3.03 -2.92 10.94
CA LYS A 10 -2.70 -4.31 10.69
C LYS A 10 -1.72 -4.43 9.53
N GLY A 11 -1.51 -5.65 9.05
CA GLY A 11 -0.59 -5.87 7.96
C GLY A 11 -0.92 -5.02 6.74
N TYR A 12 -2.17 -4.58 6.65
CA TYR A 12 -2.60 -3.75 5.53
C TYR A 12 -1.94 -2.39 5.57
N PHE A 13 -1.90 -1.72 4.42
CA PHE A 13 -1.29 -0.40 4.33
C PHE A 13 -2.02 0.47 3.30
N PRO A 14 -1.97 1.79 3.50
CA PRO A 14 -2.62 2.77 2.62
C PRO A 14 -1.95 2.84 1.25
N CYS A 15 -2.75 3.01 0.21
CA CYS A 15 -2.24 3.11 -1.15
C CYS A 15 -1.54 4.44 -1.39
N GLY A 16 -0.33 4.57 -0.86
CA GLY A 16 0.42 5.80 -1.02
C GLY A 16 -0.32 7.01 -0.47
N ASN A 17 -0.99 7.74 -1.34
CA ASN A 17 -1.74 8.93 -0.92
C ASN A 17 -3.23 8.67 -0.99
N LEU A 18 -3.63 7.66 -1.75
CA LEU A 18 -5.04 7.31 -1.90
C LEU A 18 -5.63 6.86 -0.56
N THR A 19 -6.92 6.56 -0.56
CA THR A 19 -7.59 6.11 0.66
C THR A 19 -7.88 4.62 0.60
N LYS A 20 -7.14 3.90 -0.23
CA LYS A 20 -7.32 2.46 -0.36
C LYS A 20 -6.35 1.71 0.54
N CYS A 21 -6.74 0.49 0.92
CA CYS A 21 -5.89 -0.33 1.79
C CYS A 21 -5.65 -1.71 1.17
N LEU A 22 -4.37 -2.06 1.01
CA LEU A 22 -4.01 -3.35 0.42
C LEU A 22 -3.66 -4.36 1.51
N PRO A 23 -3.75 -5.66 1.16
CA PRO A 23 -3.45 -6.74 2.10
C PRO A 23 -1.96 -6.83 2.42
N ARG A 24 -1.62 -7.64 3.42
CA ARG A 24 -0.23 -7.82 3.82
C ARG A 24 0.53 -8.68 2.81
N ALA A 25 -0.21 -9.51 2.08
CA ALA A 25 0.40 -10.39 1.08
C ALA A 25 0.90 -9.59 -0.11
N PHE A 26 0.48 -8.33 -0.19
CA PHE A 26 0.90 -7.46 -1.29
C PHE A 26 2.42 -7.43 -1.42
N HIS A 27 3.10 -7.69 -0.31
CA HIS A 27 4.56 -7.70 -0.30
C HIS A 27 5.11 -8.67 -1.34
N CYS A 28 5.53 -8.12 -2.48
CA CYS A 28 6.08 -8.94 -3.56
C CYS A 28 5.13 -10.08 -3.91
N ASP A 29 4.14 -9.79 -4.73
CA ASP A 29 3.16 -10.80 -5.14
C ASP A 29 3.46 -11.29 -6.56
N GLY A 30 3.72 -10.35 -7.46
CA GLY A 30 4.01 -10.71 -8.84
C GLY A 30 3.62 -9.61 -9.82
N LYS A 31 2.71 -8.74 -9.40
CA LYS A 31 2.25 -7.65 -10.24
C LYS A 31 1.65 -6.52 -9.40
N ASP A 32 1.24 -5.45 -10.06
CA ASP A 32 0.64 -4.31 -9.37
C ASP A 32 -0.60 -4.73 -8.59
N ASP A 33 -0.78 -4.14 -7.41
CA ASP A 33 -1.93 -4.46 -6.57
C ASP A 33 -2.81 -3.23 -6.37
N CYS A 34 -2.21 -2.05 -6.43
CA CYS A 34 -2.94 -0.81 -6.26
C CYS A 34 -3.43 -0.28 -7.59
N GLY A 35 -2.48 0.11 -8.45
CA GLY A 35 -2.84 0.63 -9.76
C GLY A 35 -2.45 2.09 -9.93
N ASN A 36 -2.00 2.71 -8.84
CA ASN A 36 -1.60 4.11 -8.87
C ASN A 36 -0.08 4.24 -8.95
N GLY A 37 0.62 3.21 -8.48
CA GLY A 37 2.08 3.23 -8.51
C GLY A 37 2.68 3.50 -7.14
N ALA A 38 2.23 2.74 -6.14
CA ALA A 38 2.73 2.91 -4.78
C ALA A 38 3.06 1.55 -4.16
N ASP A 39 2.11 0.63 -4.23
CA ASP A 39 2.29 -0.70 -3.67
C ASP A 39 3.44 -1.43 -4.36
N GLU A 40 3.69 -1.06 -5.61
CA GLU A 40 4.75 -1.68 -6.39
C GLU A 40 6.08 -1.63 -5.65
N GLU A 41 6.28 -0.54 -4.92
CA GLU A 41 7.52 -0.35 -4.15
C GLU A 41 7.72 -1.50 -3.16
N ASN A 42 8.79 -1.42 -2.38
CA ASN A 42 9.09 -2.45 -1.38
C ASN A 42 9.38 -3.78 -2.07
N CYS A 43 9.73 -3.73 -3.35
CA CYS A 43 10.03 -4.93 -4.11
C CYS A 43 10.98 -4.63 -5.26
N GLY A 44 11.78 -3.58 -5.09
CA GLY A 44 12.73 -3.20 -6.13
C GLY A 44 12.09 -2.36 -7.22
N GLY A 1 8.62 19.83 7.14
CA GLY A 1 8.69 19.28 5.80
C GLY A 1 7.43 18.54 5.40
N SER A 2 7.61 17.41 4.72
CA SER A 2 6.48 16.60 4.27
C SER A 2 6.73 15.12 4.54
N MET A 3 5.94 14.55 5.45
CA MET A 3 6.09 13.14 5.79
C MET A 3 4.73 12.43 5.74
N ILE A 4 4.76 11.10 5.87
CA ILE A 4 3.53 10.31 5.83
C ILE A 4 3.71 9.01 6.61
N THR A 5 2.64 8.58 7.28
CA THR A 5 2.67 7.34 8.05
C THR A 5 1.49 6.45 7.69
N PRO A 6 1.63 5.15 8.01
CA PRO A 6 0.58 4.16 7.73
C PRO A 6 -0.64 4.34 8.62
N SER A 7 -1.79 4.60 8.01
CA SER A 7 -3.03 4.80 8.74
C SER A 7 -3.91 3.56 8.68
N CYS A 8 -3.27 2.39 8.65
CA CYS A 8 -3.99 1.12 8.59
C CYS A 8 -3.48 0.16 9.65
N GLN A 9 -4.12 -1.01 9.75
CA GLN A 9 -3.73 -2.00 10.73
C GLN A 9 -3.82 -3.41 10.14
N LYS A 10 -3.49 -4.41 10.95
CA LYS A 10 -3.53 -5.80 10.50
C LYS A 10 -2.53 -6.04 9.38
N GLY A 11 -1.50 -5.21 9.32
CA GLY A 11 -0.49 -5.35 8.29
C GLY A 11 -0.82 -4.56 7.04
N TYR A 12 -2.07 -4.13 6.92
CA TYR A 12 -2.51 -3.36 5.77
C TYR A 12 -1.84 -1.99 5.73
N PHE A 13 -1.80 -1.39 4.54
CA PHE A 13 -1.20 -0.07 4.38
C PHE A 13 -1.93 0.73 3.32
N PRO A 14 -1.97 2.07 3.50
CA PRO A 14 -2.63 2.98 2.57
C PRO A 14 -1.91 3.09 1.24
N CYS A 15 -2.67 3.20 0.16
CA CYS A 15 -2.10 3.31 -1.17
C CYS A 15 -1.17 4.51 -1.28
N GLY A 16 -0.62 4.75 -2.46
CA GLY A 16 0.27 5.86 -2.67
C GLY A 16 -0.32 7.17 -2.18
N ASN A 17 -1.38 7.63 -2.84
CA ASN A 17 -2.03 8.88 -2.47
C ASN A 17 -3.54 8.70 -2.38
N LEU A 18 -3.99 7.45 -2.51
CA LEU A 18 -5.42 7.14 -2.44
C LEU A 18 -5.83 6.81 -1.01
N THR A 19 -7.12 6.54 -0.82
CA THR A 19 -7.65 6.21 0.49
C THR A 19 -7.94 4.72 0.61
N LYS A 20 -7.29 3.93 -0.23
CA LYS A 20 -7.49 2.48 -0.22
C LYS A 20 -6.36 1.79 0.55
N CYS A 21 -6.69 0.68 1.20
CA CYS A 21 -5.71 -0.08 1.97
C CYS A 21 -5.53 -1.48 1.40
N LEU A 22 -4.27 -1.87 1.19
CA LEU A 22 -3.96 -3.19 0.65
C LEU A 22 -3.58 -4.16 1.75
N PRO A 23 -3.73 -5.47 1.47
CA PRO A 23 -3.40 -6.53 2.44
C PRO A 23 -1.90 -6.64 2.69
N ARG A 24 -1.53 -7.47 3.65
CA ARG A 24 -0.13 -7.68 3.99
C ARG A 24 0.57 -8.53 2.93
N ALA A 25 -0.21 -9.35 2.23
CA ALA A 25 0.34 -10.21 1.18
C ALA A 25 0.83 -9.40 0.00
N PHE A 26 0.46 -8.13 -0.04
CA PHE A 26 0.87 -7.24 -1.12
C PHE A 26 2.38 -7.28 -1.32
N HIS A 27 3.10 -7.60 -0.24
CA HIS A 27 4.56 -7.68 -0.30
C HIS A 27 5.00 -8.67 -1.36
N CYS A 28 5.47 -8.15 -2.50
CA CYS A 28 5.93 -8.99 -3.59
C CYS A 28 4.88 -10.03 -3.96
N ASP A 29 3.98 -9.66 -4.87
CA ASP A 29 2.92 -10.55 -5.31
C ASP A 29 3.14 -10.97 -6.77
N GLY A 30 3.61 -10.03 -7.58
CA GLY A 30 3.84 -10.32 -8.99
C GLY A 30 3.58 -9.12 -9.87
N LYS A 31 2.53 -8.36 -9.55
CA LYS A 31 2.17 -7.19 -10.33
C LYS A 31 1.63 -6.09 -9.42
N ASP A 32 1.10 -5.03 -10.04
CA ASP A 32 0.54 -3.91 -9.28
C ASP A 32 -0.76 -4.31 -8.60
N ASP A 33 -0.91 -3.92 -7.35
CA ASP A 33 -2.11 -4.24 -6.57
C ASP A 33 -2.86 -2.97 -6.20
N CYS A 34 -2.14 -1.84 -6.17
CA CYS A 34 -2.75 -0.57 -5.81
C CYS A 34 -3.41 0.08 -7.03
N GLY A 35 -2.61 0.46 -8.01
CA GLY A 35 -3.13 1.07 -9.21
C GLY A 35 -2.30 2.25 -9.68
N ASN A 36 -1.66 2.93 -8.74
CA ASN A 36 -0.82 4.08 -9.06
C ASN A 36 0.64 3.67 -9.17
N GLY A 37 0.99 2.58 -8.51
CA GLY A 37 2.36 2.10 -8.54
C GLY A 37 3.07 2.27 -7.22
N ALA A 38 2.30 2.48 -6.16
CA ALA A 38 2.87 2.66 -4.82
C ALA A 38 3.18 1.31 -4.17
N ASP A 39 2.20 0.43 -4.14
CA ASP A 39 2.37 -0.90 -3.55
C ASP A 39 3.49 -1.66 -4.25
N GLU A 40 3.71 -1.34 -5.52
CA GLU A 40 4.75 -2.01 -6.29
C GLU A 40 6.11 -1.83 -5.65
N GLU A 41 6.26 -0.76 -4.86
CA GLU A 41 7.51 -0.48 -4.18
C GLU A 41 7.67 -1.34 -2.93
N ASN A 42 8.67 -1.03 -2.13
CA ASN A 42 8.93 -1.77 -0.90
C ASN A 42 9.29 -3.22 -1.22
N CYS A 43 9.78 -3.45 -2.43
CA CYS A 43 10.17 -4.79 -2.85
C CYS A 43 11.22 -4.73 -3.95
N GLY A 44 11.94 -3.61 -4.01
CA GLY A 44 12.97 -3.44 -5.01
C GLY A 44 14.11 -4.43 -4.85
N GLY A 1 5.58 21.41 3.56
CA GLY A 1 5.58 20.70 4.83
C GLY A 1 4.39 19.78 4.99
N SER A 2 4.64 18.48 4.94
CA SER A 2 3.58 17.49 5.08
C SER A 2 4.03 16.33 5.96
N MET A 3 3.64 16.37 7.23
CA MET A 3 4.00 15.32 8.18
C MET A 3 2.77 14.81 8.92
N ILE A 4 2.28 13.64 8.53
CA ILE A 4 1.11 13.06 9.17
C ILE A 4 1.29 11.56 9.38
N THR A 5 0.26 10.91 9.93
CA THR A 5 0.31 9.48 10.17
C THR A 5 -0.63 8.72 9.23
N PRO A 6 -0.38 7.42 9.07
CA PRO A 6 -1.19 6.56 8.20
C PRO A 6 -2.58 6.32 8.77
N SER A 7 -3.57 6.29 7.88
CA SER A 7 -4.96 6.06 8.28
C SER A 7 -5.36 4.61 8.08
N CYS A 8 -4.55 3.70 8.61
CA CYS A 8 -4.82 2.28 8.48
C CYS A 8 -4.20 1.50 9.64
N GLN A 9 -4.62 0.25 9.80
CA GLN A 9 -4.09 -0.60 10.87
C GLN A 9 -3.80 -2.00 10.36
N LYS A 10 -3.29 -2.86 11.23
CA LYS A 10 -2.96 -4.23 10.87
C LYS A 10 -1.85 -4.26 9.83
N GLY A 11 -1.57 -5.45 9.31
CA GLY A 11 -0.53 -5.60 8.31
C GLY A 11 -0.82 -4.80 7.05
N TYR A 12 -2.08 -4.40 6.89
CA TYR A 12 -2.49 -3.63 5.72
C TYR A 12 -1.82 -2.26 5.71
N PHE A 13 -1.76 -1.65 4.53
CA PHE A 13 -1.14 -0.33 4.39
C PHE A 13 -1.89 0.50 3.34
N PRO A 14 -1.91 1.83 3.56
CA PRO A 14 -2.58 2.76 2.65
C PRO A 14 -1.88 2.88 1.31
N CYS A 15 -2.66 3.00 0.24
CA CYS A 15 -2.10 3.12 -1.10
C CYS A 15 -1.19 4.34 -1.20
N GLY A 16 -0.69 4.60 -2.41
CA GLY A 16 0.19 5.73 -2.62
C GLY A 16 -0.41 7.03 -2.09
N ASN A 17 -1.50 7.47 -2.71
CA ASN A 17 -2.16 8.70 -2.30
C ASN A 17 -3.68 8.50 -2.21
N LEU A 18 -4.11 7.25 -2.36
CA LEU A 18 -5.53 6.93 -2.29
C LEU A 18 -5.94 6.58 -0.87
N THR A 19 -7.23 6.30 -0.68
CA THR A 19 -7.75 5.96 0.63
C THR A 19 -8.01 4.46 0.74
N LYS A 20 -7.36 3.68 -0.12
CA LYS A 20 -7.53 2.23 -0.12
C LYS A 20 -6.35 1.56 0.58
N CYS A 21 -6.63 0.44 1.23
CA CYS A 21 -5.59 -0.31 1.95
C CYS A 21 -5.43 -1.71 1.37
N LEU A 22 -4.19 -2.11 1.14
CA LEU A 22 -3.90 -3.43 0.59
C LEU A 22 -3.51 -4.41 1.70
N PRO A 23 -3.67 -5.71 1.42
CA PRO A 23 -3.34 -6.77 2.38
C PRO A 23 -1.84 -6.91 2.60
N ARG A 24 -1.46 -7.76 3.54
CA ARG A 24 -0.04 -7.98 3.84
C ARG A 24 0.62 -8.83 2.76
N ALA A 25 -0.19 -9.62 2.06
CA ALA A 25 0.32 -10.48 1.00
C ALA A 25 0.84 -9.65 -0.17
N PHE A 26 0.49 -8.37 -0.18
CA PHE A 26 0.92 -7.47 -1.24
C PHE A 26 2.44 -7.51 -1.42
N HIS A 27 3.14 -7.89 -0.35
CA HIS A 27 4.59 -7.98 -0.39
C HIS A 27 5.06 -8.90 -1.51
N CYS A 28 5.50 -8.32 -2.62
CA CYS A 28 5.98 -9.08 -3.76
C CYS A 28 4.88 -9.99 -4.30
N ASP A 29 4.20 -9.54 -5.34
CA ASP A 29 3.12 -10.31 -5.95
C ASP A 29 3.43 -10.63 -7.41
N GLY A 30 3.90 -9.62 -8.14
CA GLY A 30 4.23 -9.81 -9.53
C GLY A 30 3.68 -8.69 -10.41
N LYS A 31 2.69 -7.98 -9.90
CA LYS A 31 2.08 -6.88 -10.64
C LYS A 31 1.58 -5.79 -9.69
N ASP A 32 0.95 -4.77 -10.25
CA ASP A 32 0.41 -3.67 -9.45
C ASP A 32 -0.89 -4.07 -8.77
N ASP A 33 -0.94 -3.91 -7.45
CA ASP A 33 -2.12 -4.26 -6.68
C ASP A 33 -2.86 -3.01 -6.22
N CYS A 34 -2.13 -1.89 -6.14
CA CYS A 34 -2.72 -0.63 -5.71
C CYS A 34 -3.45 0.05 -6.87
N GLY A 35 -2.67 0.57 -7.82
CA GLY A 35 -3.25 1.24 -8.97
C GLY A 35 -2.42 2.42 -9.43
N ASN A 36 -1.68 3.02 -8.51
CA ASN A 36 -0.83 4.16 -8.84
C ASN A 36 0.63 3.74 -8.96
N GLY A 37 1.00 2.67 -8.27
CA GLY A 37 2.36 2.19 -8.31
C GLY A 37 3.08 2.39 -6.99
N ALA A 38 2.35 2.32 -5.89
CA ALA A 38 2.93 2.50 -4.57
C ALA A 38 3.18 1.16 -3.89
N ASP A 39 2.28 0.21 -4.13
CA ASP A 39 2.40 -1.11 -3.54
C ASP A 39 3.53 -1.91 -4.20
N GLU A 40 3.84 -1.56 -5.43
CA GLU A 40 4.90 -2.24 -6.18
C GLU A 40 6.24 -2.11 -5.45
N GLU A 41 6.37 -1.05 -4.66
CA GLU A 41 7.60 -0.82 -3.91
C GLU A 41 7.79 -1.87 -2.82
N ASN A 42 8.75 -1.64 -1.94
CA ASN A 42 9.04 -2.57 -0.85
C ASN A 42 9.52 -3.91 -1.40
N CYS A 43 9.91 -3.93 -2.66
CA CYS A 43 10.39 -5.14 -3.31
C CYS A 43 11.34 -4.82 -4.45
N GLY A 44 11.93 -3.64 -4.40
CA GLY A 44 12.86 -3.23 -5.44
C GLY A 44 13.92 -2.26 -4.93
N GLY A 1 10.11 11.48 0.82
CA GLY A 1 9.37 10.31 0.41
C GLY A 1 9.02 9.40 1.57
N SER A 2 8.99 9.97 2.78
CA SER A 2 8.67 9.20 3.98
C SER A 2 7.17 9.14 4.21
N MET A 3 6.74 8.20 5.04
CA MET A 3 5.33 8.03 5.35
C MET A 3 5.03 8.45 6.78
N ILE A 4 4.23 9.51 6.93
CA ILE A 4 3.87 10.01 8.24
C ILE A 4 2.36 10.17 8.38
N THR A 5 1.84 9.85 9.57
CA THR A 5 0.41 9.96 9.82
C THR A 5 -0.39 9.09 8.86
N PRO A 6 -0.28 7.76 9.03
CA PRO A 6 -0.99 6.79 8.19
C PRO A 6 -2.49 6.80 8.44
N SER A 7 -3.25 6.33 7.45
CA SER A 7 -4.70 6.28 7.56
C SER A 7 -5.20 4.85 7.52
N CYS A 8 -4.45 3.94 8.13
CA CYS A 8 -4.81 2.53 8.16
C CYS A 8 -4.19 1.83 9.35
N GLN A 9 -4.51 0.55 9.53
CA GLN A 9 -3.97 -0.23 10.64
C GLN A 9 -3.75 -1.67 10.21
N LYS A 10 -3.27 -2.49 11.15
CA LYS A 10 -3.01 -3.90 10.88
C LYS A 10 -1.91 -4.06 9.84
N GLY A 11 -1.65 -5.30 9.43
CA GLY A 11 -0.64 -5.57 8.44
C GLY A 11 -0.87 -4.81 7.14
N TYR A 12 -2.12 -4.40 6.92
CA TYR A 12 -2.48 -3.66 5.71
C TYR A 12 -1.80 -2.30 5.68
N PHE A 13 -1.73 -1.71 4.49
CA PHE A 13 -1.09 -0.41 4.32
C PHE A 13 -1.86 0.43 3.29
N PRO A 14 -1.73 1.76 3.40
CA PRO A 14 -2.39 2.69 2.49
C PRO A 14 -1.80 2.66 1.09
N CYS A 15 -2.66 2.73 0.08
CA CYS A 15 -2.22 2.71 -1.31
C CYS A 15 -1.70 4.07 -1.74
N GLY A 16 -0.41 4.31 -1.50
CA GLY A 16 0.19 5.58 -1.87
C GLY A 16 -0.54 6.77 -1.27
N ASN A 17 -1.35 7.44 -2.09
CA ASN A 17 -2.11 8.60 -1.63
C ASN A 17 -3.60 8.27 -1.55
N LEU A 18 -4.02 7.24 -2.27
CA LEU A 18 -5.42 6.82 -2.28
C LEU A 18 -5.87 6.44 -0.88
N THR A 19 -7.14 6.08 -0.76
CA THR A 19 -7.72 5.68 0.53
C THR A 19 -7.96 4.17 0.57
N LYS A 20 -7.31 3.44 -0.31
CA LYS A 20 -7.46 2.00 -0.37
C LYS A 20 -6.34 1.29 0.40
N CYS A 21 -6.70 0.26 1.15
CA CYS A 21 -5.74 -0.50 1.94
C CYS A 21 -5.53 -1.88 1.36
N LEU A 22 -4.27 -2.27 1.18
CA LEU A 22 -3.93 -3.57 0.63
C LEU A 22 -3.49 -4.53 1.74
N PRO A 23 -3.65 -5.83 1.49
CA PRO A 23 -3.28 -6.88 2.46
C PRO A 23 -1.77 -7.00 2.61
N ARG A 24 -1.35 -7.85 3.55
CA ARG A 24 0.07 -8.05 3.80
C ARG A 24 0.70 -8.90 2.70
N ALA A 25 -0.12 -9.71 2.04
CA ALA A 25 0.35 -10.58 0.97
C ALA A 25 0.84 -9.75 -0.23
N PHE A 26 0.50 -8.47 -0.22
CA PHE A 26 0.90 -7.58 -1.32
C PHE A 26 2.41 -7.61 -1.52
N HIS A 27 3.13 -8.01 -0.48
CA HIS A 27 4.59 -8.09 -0.54
C HIS A 27 5.03 -8.99 -1.70
N CYS A 28 5.47 -8.38 -2.78
CA CYS A 28 5.92 -9.12 -3.95
C CYS A 28 4.88 -10.13 -4.39
N ASP A 29 3.96 -9.70 -5.24
CA ASP A 29 2.90 -10.56 -5.74
C ASP A 29 3.14 -10.94 -7.20
N GLY A 30 3.60 -9.97 -7.99
CA GLY A 30 3.87 -10.21 -9.39
C GLY A 30 3.32 -9.12 -10.29
N LYS A 31 2.29 -8.42 -9.81
CA LYS A 31 1.67 -7.35 -10.57
C LYS A 31 1.32 -6.17 -9.66
N ASP A 32 0.78 -5.12 -10.25
CA ASP A 32 0.39 -3.93 -9.50
C ASP A 32 -0.94 -4.15 -8.79
N ASP A 33 -0.96 -3.89 -7.49
CA ASP A 33 -2.18 -4.06 -6.69
C ASP A 33 -2.69 -2.72 -6.19
N CYS A 34 -1.84 -1.70 -6.27
CA CYS A 34 -2.20 -0.36 -5.82
C CYS A 34 -3.08 0.33 -6.85
N GLY A 35 -2.52 0.59 -8.03
CA GLY A 35 -3.27 1.24 -9.09
C GLY A 35 -2.58 2.50 -9.58
N ASN A 36 -1.69 3.05 -8.77
CA ASN A 36 -0.96 4.26 -9.14
C ASN A 36 0.54 4.01 -9.15
N GLY A 37 0.99 3.12 -8.27
CA GLY A 37 2.41 2.81 -8.18
C GLY A 37 2.99 3.07 -6.82
N ALA A 38 2.36 2.50 -5.79
CA ALA A 38 2.83 2.67 -4.41
C ALA A 38 3.12 1.33 -3.76
N ASP A 39 2.32 0.32 -4.10
CA ASP A 39 2.49 -1.02 -3.54
C ASP A 39 3.65 -1.73 -4.20
N GLU A 40 3.98 -1.33 -5.42
CA GLU A 40 5.08 -1.94 -6.16
C GLU A 40 6.40 -1.77 -5.42
N GLU A 41 6.51 -0.68 -4.67
CA GLU A 41 7.72 -0.40 -3.90
C GLU A 41 7.87 -1.38 -2.74
N ASN A 42 8.91 -1.18 -1.94
CA ASN A 42 9.17 -2.05 -0.79
C ASN A 42 9.46 -3.46 -1.23
N CYS A 43 9.80 -3.63 -2.50
CA CYS A 43 10.11 -4.94 -3.05
C CYS A 43 11.04 -4.82 -4.25
N GLY A 44 11.79 -3.73 -4.31
CA GLY A 44 12.72 -3.52 -5.40
C GLY A 44 12.55 -2.16 -6.05
N GLY A 1 8.35 18.99 11.61
CA GLY A 1 8.57 17.57 11.69
C GLY A 1 7.29 16.76 11.65
N SER A 2 7.42 15.44 11.71
CA SER A 2 6.25 14.56 11.67
C SER A 2 5.45 14.76 10.39
N MET A 3 5.84 14.03 9.34
CA MET A 3 5.16 14.12 8.06
C MET A 3 4.48 12.80 7.69
N ILE A 4 4.02 12.09 8.72
CA ILE A 4 3.35 10.81 8.51
C ILE A 4 1.93 10.84 9.06
N THR A 5 1.00 10.20 8.34
CA THR A 5 -0.39 10.16 8.75
C THR A 5 -1.02 8.82 8.41
N PRO A 6 -0.66 7.77 9.16
CA PRO A 6 -1.18 6.42 8.95
C PRO A 6 -2.66 6.30 9.32
N SER A 7 -3.51 6.25 8.31
CA SER A 7 -4.95 6.15 8.54
C SER A 7 -5.43 4.72 8.31
N CYS A 8 -4.56 3.76 8.60
CA CYS A 8 -4.89 2.35 8.42
C CYS A 8 -4.37 1.51 9.59
N GLN A 9 -4.90 0.30 9.73
CA GLN A 9 -4.49 -0.59 10.81
C GLN A 9 -4.19 -1.98 10.28
N LYS A 10 -3.79 -2.88 11.17
CA LYS A 10 -3.47 -4.25 10.80
C LYS A 10 -2.27 -4.29 9.86
N GLY A 11 -1.93 -5.49 9.39
CA GLY A 11 -0.80 -5.63 8.48
C GLY A 11 -0.98 -4.86 7.20
N TYR A 12 -2.22 -4.45 6.93
CA TYR A 12 -2.52 -3.70 5.72
C TYR A 12 -1.83 -2.33 5.74
N PHE A 13 -1.70 -1.71 4.57
CA PHE A 13 -1.06 -0.42 4.45
C PHE A 13 -1.79 0.45 3.43
N PRO A 14 -1.83 1.77 3.70
CA PRO A 14 -2.49 2.73 2.81
C PRO A 14 -1.74 2.92 1.50
N CYS A 15 -2.49 3.02 0.41
CA CYS A 15 -1.90 3.20 -0.91
C CYS A 15 -1.04 4.47 -0.96
N GLY A 16 -0.48 4.76 -2.12
CA GLY A 16 0.35 5.94 -2.28
C GLY A 16 -0.34 7.20 -1.78
N ASN A 17 -1.32 7.67 -2.54
CA ASN A 17 -2.06 8.87 -2.16
C ASN A 17 -3.57 8.61 -2.15
N LEU A 18 -3.93 7.34 -2.27
CA LEU A 18 -5.34 6.95 -2.27
C LEU A 18 -5.81 6.60 -0.86
N THR A 19 -7.08 6.26 -0.73
CA THR A 19 -7.65 5.89 0.56
C THR A 19 -7.90 4.39 0.65
N LYS A 20 -7.20 3.63 -0.18
CA LYS A 20 -7.34 2.18 -0.20
C LYS A 20 -6.17 1.52 0.52
N CYS A 21 -6.46 0.38 1.17
CA CYS A 21 -5.42 -0.36 1.89
C CYS A 21 -5.27 -1.76 1.32
N LEU A 22 -4.02 -2.16 1.11
CA LEU A 22 -3.72 -3.49 0.56
C LEU A 22 -3.33 -4.45 1.68
N PRO A 23 -3.52 -5.76 1.43
CA PRO A 23 -3.18 -6.81 2.39
C PRO A 23 -1.67 -6.97 2.57
N ARG A 24 -1.28 -7.84 3.50
CA ARG A 24 0.13 -8.08 3.77
C ARG A 24 0.76 -8.91 2.67
N ALA A 25 -0.06 -9.66 1.95
CA ALA A 25 0.42 -10.50 0.85
C ALA A 25 0.90 -9.65 -0.31
N PHE A 26 0.55 -8.37 -0.29
CA PHE A 26 0.95 -7.45 -1.36
C PHE A 26 2.45 -7.49 -1.58
N HIS A 27 3.19 -7.87 -0.54
CA HIS A 27 4.65 -7.95 -0.62
C HIS A 27 5.08 -8.88 -1.75
N CYS A 28 5.44 -8.30 -2.89
CA CYS A 28 5.87 -9.07 -4.04
C CYS A 28 4.85 -10.16 -4.38
N ASP A 29 3.88 -9.80 -5.22
CA ASP A 29 2.84 -10.74 -5.63
C ASP A 29 2.99 -11.10 -7.11
N GLY A 30 3.52 -10.18 -7.89
CA GLY A 30 3.70 -10.42 -9.31
C GLY A 30 3.50 -9.18 -10.14
N LYS A 31 2.44 -8.43 -9.84
CA LYS A 31 2.13 -7.20 -10.58
C LYS A 31 1.62 -6.12 -9.63
N ASP A 32 1.10 -5.05 -10.21
CA ASP A 32 0.56 -3.94 -9.42
C ASP A 32 -0.77 -4.33 -8.77
N ASP A 33 -0.92 -3.98 -7.49
CA ASP A 33 -2.14 -4.30 -6.76
C ASP A 33 -2.85 -3.02 -6.33
N CYS A 34 -2.08 -1.94 -6.19
CA CYS A 34 -2.65 -0.66 -5.77
C CYS A 34 -3.26 0.08 -6.96
N GLY A 35 -2.60 -0.03 -8.12
CA GLY A 35 -3.09 0.63 -9.31
C GLY A 35 -2.60 2.06 -9.43
N ASN A 36 -1.98 2.55 -8.37
CA ASN A 36 -1.47 3.92 -8.35
C ASN A 36 0.04 3.94 -8.59
N GLY A 37 0.70 2.85 -8.21
CA GLY A 37 2.14 2.77 -8.38
C GLY A 37 2.90 3.03 -7.10
N ALA A 38 2.30 2.66 -5.98
CA ALA A 38 2.93 2.86 -4.68
C ALA A 38 3.26 1.52 -4.02
N ASP A 39 2.33 0.58 -4.11
CA ASP A 39 2.52 -0.74 -3.52
C ASP A 39 3.67 -1.48 -4.21
N GLU A 40 3.95 -1.09 -5.44
CA GLU A 40 5.02 -1.72 -6.21
C GLU A 40 6.36 -1.62 -5.47
N GLU A 41 6.50 -0.58 -4.66
CA GLU A 41 7.73 -0.36 -3.90
C GLU A 41 7.94 -1.49 -2.90
N ASN A 42 9.02 -1.39 -2.12
CA ASN A 42 9.33 -2.40 -1.12
C ASN A 42 9.63 -3.74 -1.78
N CYS A 43 9.98 -3.70 -3.06
CA CYS A 43 10.29 -4.91 -3.81
C CYS A 43 11.23 -4.61 -4.97
N GLY A 44 11.95 -3.50 -4.87
CA GLY A 44 12.88 -3.11 -5.92
C GLY A 44 14.24 -3.75 -5.75
N GLY A 1 -17.40 9.19 0.53
CA GLY A 1 -17.02 8.81 1.89
C GLY A 1 -15.77 7.97 1.93
N SER A 2 -15.30 7.69 3.15
CA SER A 2 -14.09 6.89 3.32
C SER A 2 -12.93 7.48 2.53
N MET A 3 -12.85 8.80 2.50
CA MET A 3 -11.79 9.49 1.79
C MET A 3 -10.57 9.72 2.69
N ILE A 4 -10.83 9.79 4.00
CA ILE A 4 -9.76 10.00 4.96
C ILE A 4 -9.97 9.16 6.21
N THR A 5 -8.88 8.71 6.83
CA THR A 5 -8.95 7.89 8.02
C THR A 5 -9.62 6.56 7.75
N PRO A 6 -8.91 5.66 7.06
CA PRO A 6 -9.42 4.33 6.71
C PRO A 6 -9.56 3.43 7.94
N SER A 7 -9.88 2.16 7.69
CA SER A 7 -10.04 1.20 8.77
C SER A 7 -9.07 0.04 8.62
N CYS A 8 -7.81 0.36 8.34
CA CYS A 8 -6.79 -0.65 8.16
C CYS A 8 -5.65 -0.45 9.16
N GLN A 9 -5.23 -1.55 9.80
CA GLN A 9 -4.15 -1.49 10.78
C GLN A 9 -3.46 -2.84 10.91
N LYS A 10 -2.14 -2.81 11.01
CA LYS A 10 -1.35 -4.03 11.14
C LYS A 10 -1.49 -4.90 9.90
N GLY A 11 -0.45 -4.93 9.07
CA GLY A 11 -0.48 -5.73 7.87
C GLY A 11 -0.81 -4.91 6.64
N TYR A 12 -1.94 -4.23 6.66
CA TYR A 12 -2.37 -3.40 5.54
C TYR A 12 -1.64 -2.07 5.54
N PHE A 13 -1.60 -1.42 4.38
CA PHE A 13 -0.94 -0.13 4.24
C PHE A 13 -1.67 0.76 3.25
N PRO A 14 -1.55 2.09 3.43
CA PRO A 14 -2.20 3.07 2.56
C PRO A 14 -1.57 3.11 1.17
N CYS A 15 -2.41 3.27 0.15
CA CYS A 15 -1.94 3.32 -1.23
C CYS A 15 -1.28 4.66 -1.52
N GLY A 16 -0.08 4.86 -0.98
CA GLY A 16 0.64 6.09 -1.20
C GLY A 16 -0.08 7.30 -0.62
N ASN A 17 -0.89 7.95 -1.45
CA ASN A 17 -1.64 9.12 -1.01
C ASN A 17 -3.14 8.86 -1.05
N LEU A 18 -3.54 7.89 -1.87
CA LEU A 18 -4.95 7.53 -2.00
C LEU A 18 -5.54 7.13 -0.65
N THR A 19 -6.83 6.83 -0.65
CA THR A 19 -7.52 6.43 0.57
C THR A 19 -7.80 4.93 0.59
N LYS A 20 -7.07 4.19 -0.25
CA LYS A 20 -7.23 2.74 -0.33
C LYS A 20 -6.13 2.02 0.45
N CYS A 21 -6.47 0.85 1.00
CA CYS A 21 -5.53 0.07 1.77
C CYS A 21 -5.38 -1.33 1.19
N LEU A 22 -4.14 -1.77 1.00
CA LEU A 22 -3.86 -3.10 0.46
C LEU A 22 -3.54 -4.09 1.56
N PRO A 23 -3.70 -5.38 1.26
CA PRO A 23 -3.44 -6.46 2.22
C PRO A 23 -1.95 -6.62 2.52
N ARG A 24 -1.63 -7.43 3.52
CA ARG A 24 -0.24 -7.67 3.90
C ARG A 24 0.46 -8.57 2.88
N ALA A 25 -0.32 -9.39 2.20
CA ALA A 25 0.23 -10.31 1.20
C ALA A 25 0.74 -9.54 -0.02
N PHE A 26 0.38 -8.27 -0.11
CA PHE A 26 0.80 -7.44 -1.22
C PHE A 26 2.32 -7.47 -1.38
N HIS A 27 3.01 -7.74 -0.28
CA HIS A 27 4.47 -7.82 -0.29
C HIS A 27 4.96 -8.81 -1.34
N CYS A 28 5.38 -8.30 -2.49
CA CYS A 28 5.87 -9.15 -3.56
C CYS A 28 4.88 -10.27 -3.88
N ASP A 29 3.83 -9.94 -4.61
CA ASP A 29 2.81 -10.92 -4.97
C ASP A 29 3.03 -11.44 -6.39
N GLY A 30 3.30 -10.51 -7.32
CA GLY A 30 3.53 -10.89 -8.70
C GLY A 30 3.39 -9.72 -9.65
N LYS A 31 2.59 -8.73 -9.27
CA LYS A 31 2.38 -7.55 -10.10
C LYS A 31 1.71 -6.43 -9.30
N ASP A 32 1.40 -5.33 -9.97
CA ASP A 32 0.76 -4.20 -9.32
C ASP A 32 -0.48 -4.65 -8.55
N ASP A 33 -0.67 -4.07 -7.37
CA ASP A 33 -1.83 -4.41 -6.54
C ASP A 33 -2.75 -3.21 -6.39
N CYS A 34 -2.17 -2.01 -6.37
CA CYS A 34 -2.96 -0.79 -6.24
C CYS A 34 -3.49 -0.33 -7.59
N GLY A 35 -2.58 0.07 -8.48
CA GLY A 35 -2.98 0.52 -9.80
C GLY A 35 -2.44 1.90 -10.12
N ASN A 36 -2.00 2.62 -9.09
CA ASN A 36 -1.47 3.96 -9.27
C ASN A 36 0.05 3.93 -9.41
N GLY A 37 0.67 2.93 -8.79
CA GLY A 37 2.12 2.81 -8.85
C GLY A 37 2.80 3.13 -7.53
N ALA A 38 2.24 2.61 -6.45
CA ALA A 38 2.79 2.85 -5.12
C ALA A 38 3.15 1.54 -4.44
N ASP A 39 2.20 0.61 -4.40
CA ASP A 39 2.42 -0.69 -3.78
C ASP A 39 3.54 -1.45 -4.48
N GLU A 40 3.70 -1.19 -5.77
CA GLU A 40 4.74 -1.86 -6.55
C GLU A 40 6.10 -1.72 -5.86
N GLU A 41 6.31 -0.59 -5.20
CA GLU A 41 7.58 -0.34 -4.51
C GLU A 41 7.69 -1.19 -3.25
N ASN A 42 8.69 -0.90 -2.43
CA ASN A 42 8.90 -1.63 -1.19
C ASN A 42 9.23 -3.10 -1.48
N CYS A 43 9.62 -3.38 -2.72
CA CYS A 43 9.95 -4.74 -3.12
C CYS A 43 10.94 -4.74 -4.29
N GLY A 44 11.68 -3.65 -4.42
CA GLY A 44 12.65 -3.54 -5.49
C GLY A 44 13.73 -4.61 -5.42
N GLY A 1 7.54 15.97 4.21
CA GLY A 1 7.74 15.75 5.62
C GLY A 1 7.68 14.29 6.00
N SER A 2 8.58 13.86 6.88
CA SER A 2 8.63 12.47 7.32
C SER A 2 8.92 11.54 6.15
N MET A 3 8.84 10.23 6.40
CA MET A 3 9.10 9.24 5.37
C MET A 3 7.79 8.60 4.90
N ILE A 4 7.14 7.88 5.81
CA ILE A 4 5.88 7.21 5.49
C ILE A 4 4.76 7.65 6.44
N THR A 5 3.53 7.60 5.96
CA THR A 5 2.37 7.99 6.76
C THR A 5 1.26 6.95 6.67
N PRO A 6 1.47 5.79 7.32
CA PRO A 6 0.50 4.71 7.33
C PRO A 6 -0.75 5.04 8.14
N SER A 7 -1.88 4.47 7.74
CA SER A 7 -3.14 4.71 8.44
C SER A 7 -4.01 3.46 8.43
N CYS A 8 -3.37 2.31 8.32
CA CYS A 8 -4.09 1.03 8.30
C CYS A 8 -3.56 0.09 9.38
N GLN A 9 -4.19 -1.06 9.52
CA GLN A 9 -3.78 -2.05 10.51
C GLN A 9 -3.90 -3.46 9.95
N LYS A 10 -3.55 -4.45 10.78
CA LYS A 10 -3.61 -5.85 10.36
C LYS A 10 -2.63 -6.12 9.22
N GLY A 11 -1.59 -5.30 9.13
CA GLY A 11 -0.60 -5.49 8.09
C GLY A 11 -0.91 -4.65 6.85
N TYR A 12 -2.15 -4.18 6.75
CA TYR A 12 -2.57 -3.38 5.62
C TYR A 12 -1.88 -2.02 5.61
N PHE A 13 -1.83 -1.39 4.45
CA PHE A 13 -1.19 -0.08 4.32
C PHE A 13 -1.91 0.76 3.26
N PRO A 14 -1.83 2.09 3.41
CA PRO A 14 -2.46 3.04 2.49
C PRO A 14 -1.78 3.06 1.13
N CYS A 15 -2.58 3.23 0.09
CA CYS A 15 -2.06 3.26 -1.27
C CYS A 15 -1.34 4.58 -1.55
N GLY A 16 -0.16 4.74 -0.98
CA GLY A 16 0.60 5.97 -1.17
C GLY A 16 -0.09 7.18 -0.61
N ASN A 17 -0.88 7.85 -1.44
CA ASN A 17 -1.60 9.04 -1.01
C ASN A 17 -3.11 8.82 -1.06
N LEU A 18 -3.53 7.85 -1.88
CA LEU A 18 -4.94 7.52 -2.02
C LEU A 18 -5.54 7.11 -0.69
N THR A 19 -6.85 6.82 -0.70
CA THR A 19 -7.54 6.41 0.52
C THR A 19 -7.83 4.91 0.49
N LYS A 20 -7.06 4.17 -0.29
CA LYS A 20 -7.24 2.73 -0.41
C LYS A 20 -6.24 1.99 0.48
N CYS A 21 -6.62 0.80 0.94
CA CYS A 21 -5.75 0.00 1.79
C CYS A 21 -5.55 -1.39 1.20
N LEU A 22 -4.29 -1.79 1.05
CA LEU A 22 -3.96 -3.10 0.49
C LEU A 22 -3.63 -4.10 1.61
N PRO A 23 -3.76 -5.39 1.30
CA PRO A 23 -3.48 -6.46 2.25
C PRO A 23 -2.00 -6.59 2.57
N ARG A 24 -1.68 -7.40 3.58
CA ARG A 24 -0.29 -7.59 3.98
C ARG A 24 0.45 -8.50 2.99
N ALA A 25 -0.31 -9.35 2.29
CA ALA A 25 0.26 -10.25 1.31
C ALA A 25 0.77 -9.49 0.09
N PHE A 26 0.38 -8.22 -0.02
CA PHE A 26 0.81 -7.39 -1.13
C PHE A 26 2.33 -7.38 -1.26
N HIS A 27 3.01 -7.64 -0.15
CA HIS A 27 4.47 -7.67 -0.15
C HIS A 27 5.00 -8.66 -1.18
N CYS A 28 5.43 -8.14 -2.32
CA CYS A 28 5.96 -8.97 -3.39
C CYS A 28 5.00 -10.11 -3.72
N ASP A 29 4.07 -9.85 -4.63
CA ASP A 29 3.09 -10.85 -5.03
C ASP A 29 3.32 -11.30 -6.47
N GLY A 30 3.73 -10.35 -7.32
CA GLY A 30 3.98 -10.66 -8.71
C GLY A 30 3.70 -9.48 -9.63
N LYS A 31 2.62 -8.77 -9.36
CA LYS A 31 2.23 -7.62 -10.16
C LYS A 31 1.68 -6.50 -9.29
N ASP A 32 1.24 -5.42 -9.93
CA ASP A 32 0.68 -4.28 -9.20
C ASP A 32 -0.57 -4.69 -8.43
N ASP A 33 -0.68 -4.21 -7.19
CA ASP A 33 -1.83 -4.53 -6.35
C ASP A 33 -2.78 -3.33 -6.27
N CYS A 34 -2.21 -2.13 -6.29
CA CYS A 34 -3.00 -0.91 -6.20
C CYS A 34 -3.54 -0.52 -7.57
N GLY A 35 -2.64 -0.14 -8.47
CA GLY A 35 -3.04 0.26 -9.81
C GLY A 35 -2.56 1.64 -10.18
N ASN A 36 -2.14 2.40 -9.18
CA ASN A 36 -1.64 3.76 -9.40
C ASN A 36 -0.12 3.77 -9.54
N GLY A 37 0.53 2.84 -8.86
CA GLY A 37 1.99 2.75 -8.91
C GLY A 37 2.64 3.14 -7.60
N ALA A 38 2.10 2.64 -6.50
CA ALA A 38 2.64 2.93 -5.18
C ALA A 38 3.04 1.66 -4.44
N ASP A 39 2.10 0.71 -4.37
CA ASP A 39 2.35 -0.55 -3.69
C ASP A 39 3.47 -1.33 -4.37
N GLU A 40 3.64 -1.08 -5.67
CA GLU A 40 4.69 -1.75 -6.44
C GLU A 40 6.05 -1.59 -5.77
N GLU A 41 6.27 -0.42 -5.18
CA GLU A 41 7.54 -0.13 -4.50
C GLU A 41 7.67 -0.95 -3.22
N ASN A 42 8.69 -0.64 -2.43
CA ASN A 42 8.93 -1.34 -1.18
C ASN A 42 9.24 -2.82 -1.42
N CYS A 43 9.61 -3.13 -2.67
CA CYS A 43 9.94 -4.50 -3.04
C CYS A 43 10.90 -4.53 -4.22
N GLY A 44 11.65 -3.44 -4.40
CA GLY A 44 12.60 -3.36 -5.49
C GLY A 44 12.41 -2.11 -6.32
N GLY A 1 14.02 10.48 11.62
CA GLY A 1 13.20 11.48 10.95
C GLY A 1 11.73 11.32 11.24
N SER A 2 10.89 12.00 10.46
CA SER A 2 9.44 11.94 10.66
C SER A 2 8.71 12.61 9.50
N MET A 3 8.28 11.81 8.54
CA MET A 3 7.56 12.33 7.38
C MET A 3 6.78 11.22 6.68
N ILE A 4 5.66 10.82 7.28
CA ILE A 4 4.82 9.77 6.72
C ILE A 4 3.34 10.15 6.80
N THR A 5 2.50 9.36 6.15
CA THR A 5 1.07 9.61 6.15
C THR A 5 0.28 8.31 6.26
N PRO A 6 0.36 7.66 7.44
CA PRO A 6 -0.34 6.40 7.70
C PRO A 6 -1.85 6.58 7.78
N SER A 7 -2.59 5.60 7.27
CA SER A 7 -4.05 5.66 7.30
C SER A 7 -4.65 4.25 7.26
N CYS A 8 -3.90 3.29 7.80
CA CYS A 8 -4.36 1.90 7.83
C CYS A 8 -3.78 1.16 9.03
N GLN A 9 -4.37 0.02 9.36
CA GLN A 9 -3.91 -0.78 10.49
C GLN A 9 -3.66 -2.22 10.06
N LYS A 10 -3.05 -3.01 10.96
CA LYS A 10 -2.76 -4.40 10.67
C LYS A 10 -1.77 -4.52 9.52
N GLY A 11 -1.59 -5.74 9.03
CA GLY A 11 -0.67 -5.97 7.93
C GLY A 11 -0.97 -5.11 6.72
N TYR A 12 -2.22 -4.63 6.63
CA TYR A 12 -2.64 -3.80 5.52
C TYR A 12 -1.95 -2.44 5.57
N PHE A 13 -1.90 -1.76 4.43
CA PHE A 13 -1.27 -0.45 4.35
C PHE A 13 -1.99 0.43 3.33
N PRO A 14 -1.90 1.75 3.53
CA PRO A 14 -2.54 2.74 2.65
C PRO A 14 -1.87 2.80 1.28
N CYS A 15 -2.68 3.00 0.24
CA CYS A 15 -2.17 3.07 -1.12
C CYS A 15 -1.45 4.40 -1.35
N GLY A 16 -0.23 4.52 -0.81
CA GLY A 16 0.53 5.74 -0.98
C GLY A 16 -0.18 6.95 -0.41
N ASN A 17 -0.86 7.69 -1.28
CA ASN A 17 -1.59 8.89 -0.85
C ASN A 17 -3.09 8.65 -0.91
N LEU A 18 -3.51 7.68 -1.72
CA LEU A 18 -4.92 7.36 -1.87
C LEU A 18 -5.52 6.92 -0.54
N THR A 19 -6.82 6.63 -0.55
CA THR A 19 -7.52 6.19 0.66
C THR A 19 -7.82 4.69 0.61
N LYS A 20 -7.06 3.97 -0.22
CA LYS A 20 -7.24 2.53 -0.35
C LYS A 20 -6.28 1.77 0.55
N CYS A 21 -6.65 0.53 0.89
CA CYS A 21 -5.82 -0.31 1.75
C CYS A 21 -5.61 -1.68 1.13
N LEU A 22 -4.35 -2.07 0.98
CA LEU A 22 -4.00 -3.35 0.39
C LEU A 22 -3.68 -4.37 1.48
N PRO A 23 -3.78 -5.66 1.14
CA PRO A 23 -3.50 -6.76 2.07
C PRO A 23 -2.02 -6.86 2.41
N ARG A 24 -1.70 -7.70 3.40
CA ARG A 24 -0.32 -7.89 3.82
C ARG A 24 0.45 -8.75 2.81
N ALA A 25 -0.29 -9.58 2.08
CA ALA A 25 0.32 -10.44 1.08
C ALA A 25 0.84 -9.63 -0.10
N PHE A 26 0.42 -8.37 -0.18
CA PHE A 26 0.85 -7.50 -1.27
C PHE A 26 2.37 -7.48 -1.41
N HIS A 27 3.05 -7.76 -0.30
CA HIS A 27 4.51 -7.77 -0.29
C HIS A 27 5.05 -8.76 -1.34
N CYS A 28 5.47 -8.23 -2.47
CA CYS A 28 6.00 -9.06 -3.55
C CYS A 28 5.04 -10.20 -3.88
N ASP A 29 4.03 -9.90 -4.70
CA ASP A 29 3.06 -10.91 -5.10
C ASP A 29 3.28 -11.35 -6.53
N GLY A 30 3.54 -10.38 -7.41
CA GLY A 30 3.77 -10.69 -8.81
C GLY A 30 3.68 -9.47 -9.70
N LYS A 31 2.70 -8.61 -9.42
CA LYS A 31 2.51 -7.40 -10.20
C LYS A 31 1.82 -6.31 -9.37
N ASP A 32 1.49 -5.20 -10.01
CA ASP A 32 0.82 -4.10 -9.32
C ASP A 32 -0.43 -4.58 -8.59
N ASP A 33 -0.64 -4.07 -7.39
CA ASP A 33 -1.80 -4.45 -6.58
C ASP A 33 -2.76 -3.28 -6.43
N CYS A 34 -2.22 -2.07 -6.37
CA CYS A 34 -3.04 -0.87 -6.22
C CYS A 34 -3.56 -0.40 -7.58
N GLY A 35 -2.65 0.00 -8.45
CA GLY A 35 -3.04 0.47 -9.77
C GLY A 35 -2.55 1.88 -10.07
N ASN A 36 -2.13 2.58 -9.01
CA ASN A 36 -1.64 3.95 -9.16
C ASN A 36 -0.11 3.97 -9.28
N GLY A 37 0.53 2.98 -8.66
CA GLY A 37 1.98 2.90 -8.71
C GLY A 37 2.62 3.23 -7.37
N ALA A 38 2.08 2.66 -6.31
CA ALA A 38 2.61 2.88 -4.97
C ALA A 38 3.00 1.57 -4.29
N ASP A 39 2.07 0.62 -4.28
CA ASP A 39 2.31 -0.68 -3.67
C ASP A 39 3.48 -1.39 -4.36
N GLU A 40 3.67 -1.10 -5.64
CA GLU A 40 4.75 -1.71 -6.41
C GLU A 40 6.09 -1.55 -5.69
N GLU A 41 6.26 -0.42 -5.01
CA GLU A 41 7.49 -0.16 -4.28
C GLU A 41 7.60 -1.05 -3.05
N ASN A 42 8.59 -0.77 -2.20
CA ASN A 42 8.80 -1.54 -0.98
C ASN A 42 9.17 -2.98 -1.32
N CYS A 43 9.58 -3.21 -2.57
CA CYS A 43 9.96 -4.55 -3.01
C CYS A 43 10.95 -4.46 -4.18
N GLY A 44 11.65 -3.33 -4.28
CA GLY A 44 12.61 -3.15 -5.34
C GLY A 44 13.95 -3.79 -5.03
N GLY A 1 -22.48 5.98 18.07
CA GLY A 1 -21.91 4.92 17.26
C GLY A 1 -20.40 4.94 17.25
N SER A 2 -19.79 3.86 17.74
CA SER A 2 -18.34 3.75 17.79
C SER A 2 -17.88 2.34 17.46
N MET A 3 -18.65 1.65 16.63
CA MET A 3 -18.33 0.28 16.23
C MET A 3 -17.94 0.22 14.76
N ILE A 4 -16.70 0.60 14.46
CA ILE A 4 -16.21 0.59 13.09
C ILE A 4 -15.21 -0.55 12.87
N THR A 5 -15.21 -1.10 11.66
CA THR A 5 -14.31 -2.19 11.33
C THR A 5 -13.71 -2.01 9.93
N PRO A 6 -12.81 -1.03 9.80
CA PRO A 6 -12.16 -0.73 8.52
C PRO A 6 -11.18 -1.83 8.10
N SER A 7 -10.64 -1.70 6.90
CA SER A 7 -9.69 -2.68 6.37
C SER A 7 -8.29 -2.07 6.24
N CYS A 8 -7.83 -1.47 7.33
CA CYS A 8 -6.50 -0.85 7.34
C CYS A 8 -5.69 -1.34 8.54
N GLN A 9 -4.43 -0.90 8.61
CA GLN A 9 -3.55 -1.28 9.71
C GLN A 9 -3.45 -2.79 9.82
N LYS A 10 -2.68 -3.27 10.79
CA LYS A 10 -2.49 -4.69 11.00
C LYS A 10 -2.03 -5.38 9.72
N GLY A 11 -0.86 -4.98 9.22
CA GLY A 11 -0.33 -5.57 8.01
C GLY A 11 -0.70 -4.77 6.77
N TYR A 12 -1.85 -4.10 6.83
CA TYR A 12 -2.30 -3.29 5.70
C TYR A 12 -1.61 -1.94 5.67
N PHE A 13 -1.60 -1.31 4.50
CA PHE A 13 -0.97 0.00 4.34
C PHE A 13 -1.73 0.85 3.33
N PRO A 14 -1.64 2.18 3.49
CA PRO A 14 -2.31 3.13 2.60
C PRO A 14 -1.70 3.15 1.19
N CYS A 15 -2.55 3.29 0.18
CA CYS A 15 -2.10 3.31 -1.20
C CYS A 15 -1.41 4.63 -1.52
N GLY A 16 -0.15 4.76 -1.08
CA GLY A 16 0.60 5.98 -1.31
C GLY A 16 -0.10 7.21 -0.79
N ASN A 17 -0.78 7.93 -1.68
CA ASN A 17 -1.50 9.14 -1.31
C ASN A 17 -3.00 8.90 -1.28
N LEU A 18 -3.43 7.87 -2.00
CA LEU A 18 -4.85 7.53 -2.07
C LEU A 18 -5.38 7.16 -0.68
N THR A 19 -6.68 6.85 -0.61
CA THR A 19 -7.31 6.47 0.64
C THR A 19 -7.61 4.98 0.67
N LYS A 20 -6.94 4.22 -0.17
CA LYS A 20 -7.14 2.78 -0.25
C LYS A 20 -6.15 2.05 0.66
N CYS A 21 -6.52 0.84 1.08
CA CYS A 21 -5.67 0.04 1.95
C CYS A 21 -5.48 -1.36 1.37
N LEU A 22 -4.21 -1.75 1.19
CA LEU A 22 -3.89 -3.06 0.64
C LEU A 22 -3.52 -4.04 1.76
N PRO A 23 -3.65 -5.35 1.46
CA PRO A 23 -3.34 -6.40 2.42
C PRO A 23 -1.84 -6.51 2.70
N ARG A 24 -1.49 -7.31 3.70
CA ARG A 24 -0.08 -7.50 4.07
C ARG A 24 0.63 -8.39 3.06
N ALA A 25 -0.14 -9.22 2.37
CA ALA A 25 0.42 -10.13 1.37
C ALA A 25 0.90 -9.36 0.15
N PHE A 26 0.50 -8.10 0.05
CA PHE A 26 0.89 -7.25 -1.07
C PHE A 26 2.41 -7.25 -1.26
N HIS A 27 3.12 -7.52 -0.18
CA HIS A 27 4.59 -7.55 -0.21
C HIS A 27 5.07 -8.56 -1.24
N CYS A 28 5.47 -8.06 -2.41
CA CYS A 28 5.96 -8.91 -3.49
C CYS A 28 4.97 -10.05 -3.76
N ASP A 29 3.96 -9.76 -4.58
CA ASP A 29 2.96 -10.75 -4.93
C ASP A 29 3.19 -11.28 -6.34
N GLY A 30 3.42 -10.38 -7.28
CA GLY A 30 3.67 -10.78 -8.66
C GLY A 30 3.33 -9.69 -9.65
N LYS A 31 2.48 -8.75 -9.23
CA LYS A 31 2.08 -7.64 -10.09
C LYS A 31 1.48 -6.51 -9.27
N ASP A 32 1.12 -5.42 -9.93
CA ASP A 32 0.54 -4.27 -9.27
C ASP A 32 -0.69 -4.67 -8.45
N ASP A 33 -0.82 -4.10 -7.27
CA ASP A 33 -1.96 -4.40 -6.40
C ASP A 33 -2.86 -3.19 -6.23
N CYS A 34 -2.27 -1.99 -6.30
CA CYS A 34 -3.02 -0.75 -6.17
C CYS A 34 -3.52 -0.28 -7.52
N GLY A 35 -2.60 0.12 -8.38
CA GLY A 35 -2.96 0.59 -9.71
C GLY A 35 -2.48 2.00 -9.98
N ASN A 36 -2.08 2.70 -8.92
CA ASN A 36 -1.57 4.07 -9.05
C ASN A 36 -0.06 4.08 -9.18
N GLY A 37 0.59 3.04 -8.66
CA GLY A 37 2.04 2.96 -8.75
C GLY A 37 2.71 3.25 -7.42
N ALA A 38 2.18 2.67 -6.35
CA ALA A 38 2.74 2.88 -5.01
C ALA A 38 3.08 1.55 -4.35
N ASP A 39 2.12 0.63 -4.33
CA ASP A 39 2.32 -0.68 -3.73
C ASP A 39 3.45 -1.43 -4.43
N GLU A 40 3.68 -1.10 -5.70
CA GLU A 40 4.73 -1.75 -6.48
C GLU A 40 6.07 -1.67 -5.74
N GLU A 41 6.29 -0.58 -5.02
CA GLU A 41 7.53 -0.38 -4.28
C GLU A 41 7.75 -1.52 -3.29
N ASN A 42 8.85 -1.46 -2.54
CA ASN A 42 9.17 -2.48 -1.56
C ASN A 42 9.39 -3.83 -2.23
N CYS A 43 9.71 -3.80 -3.53
CA CYS A 43 9.95 -5.02 -4.29
C CYS A 43 10.87 -4.75 -5.47
N GLY A 44 11.70 -3.71 -5.35
CA GLY A 44 12.61 -3.36 -6.42
C GLY A 44 14.05 -3.66 -6.07
N GLY A 1 12.34 17.06 6.51
CA GLY A 1 12.32 15.84 5.72
C GLY A 1 11.70 14.68 6.46
N SER A 2 11.65 13.52 5.81
CA SER A 2 11.07 12.33 6.41
C SER A 2 9.66 12.61 6.94
N MET A 3 8.67 12.51 6.06
CA MET A 3 7.28 12.76 6.44
C MET A 3 6.40 11.58 6.04
N ILE A 4 5.68 11.04 7.01
CA ILE A 4 4.79 9.90 6.76
C ILE A 4 3.35 10.25 7.13
N THR A 5 2.41 9.67 6.40
CA THR A 5 0.99 9.91 6.65
C THR A 5 0.18 8.63 6.49
N PRO A 6 0.32 7.72 7.48
CA PRO A 6 -0.40 6.44 7.47
C PRO A 6 -1.90 6.61 7.70
N SER A 7 -2.68 5.66 7.21
CA SER A 7 -4.13 5.71 7.36
C SER A 7 -4.73 4.30 7.36
N CYS A 8 -3.92 3.32 7.75
CA CYS A 8 -4.36 1.94 7.79
C CYS A 8 -3.78 1.21 9.00
N GLN A 9 -4.36 0.06 9.34
CA GLN A 9 -3.89 -0.72 10.48
C GLN A 9 -3.64 -2.17 10.07
N LYS A 10 -3.03 -2.94 10.97
CA LYS A 10 -2.74 -4.34 10.70
C LYS A 10 -1.76 -4.48 9.54
N GLY A 11 -1.59 -5.71 9.06
CA GLY A 11 -0.69 -5.96 7.95
C GLY A 11 -0.99 -5.09 6.75
N TYR A 12 -2.24 -4.63 6.66
CA TYR A 12 -2.66 -3.79 5.54
C TYR A 12 -1.97 -2.42 5.60
N PHE A 13 -1.93 -1.75 4.45
CA PHE A 13 -1.30 -0.44 4.36
C PHE A 13 -2.01 0.44 3.34
N PRO A 14 -1.92 1.76 3.54
CA PRO A 14 -2.55 2.74 2.65
C PRO A 14 -1.88 2.80 1.28
N CYS A 15 -2.68 3.00 0.24
CA CYS A 15 -2.16 3.07 -1.12
C CYS A 15 -1.45 4.40 -1.36
N GLY A 16 -0.23 4.51 -0.81
CA GLY A 16 0.53 5.73 -0.97
C GLY A 16 -0.17 6.95 -0.40
N ASN A 17 -0.87 7.68 -1.26
CA ASN A 17 -1.60 8.88 -0.83
C ASN A 17 -3.11 8.64 -0.88
N LEU A 18 -3.53 7.68 -1.70
CA LEU A 18 -4.94 7.36 -1.84
C LEU A 18 -5.53 6.91 -0.50
N THR A 19 -6.83 6.62 -0.50
CA THR A 19 -7.51 6.17 0.70
C THR A 19 -7.81 4.68 0.65
N LYS A 20 -7.07 3.96 -0.19
CA LYS A 20 -7.25 2.53 -0.34
C LYS A 20 -6.30 1.76 0.57
N CYS A 21 -6.67 0.54 0.92
CA CYS A 21 -5.86 -0.30 1.79
C CYS A 21 -5.63 -1.67 1.16
N LEU A 22 -4.36 -2.05 1.01
CA LEU A 22 -4.01 -3.34 0.42
C LEU A 22 -3.70 -4.36 1.51
N PRO A 23 -3.80 -5.66 1.15
CA PRO A 23 -3.52 -6.75 2.08
C PRO A 23 -2.04 -6.87 2.42
N ARG A 24 -1.73 -7.72 3.40
CA ARG A 24 -0.35 -7.92 3.81
C ARG A 24 0.41 -8.75 2.79
N ALA A 25 -0.31 -9.61 2.07
CA ALA A 25 0.29 -10.47 1.06
C ALA A 25 0.81 -9.64 -0.12
N PHE A 26 0.39 -8.39 -0.18
CA PHE A 26 0.80 -7.49 -1.26
C PHE A 26 2.32 -7.48 -1.40
N HIS A 27 3.01 -7.76 -0.30
CA HIS A 27 4.47 -7.79 -0.30
C HIS A 27 5.01 -8.75 -1.35
N CYS A 28 5.43 -8.20 -2.49
CA CYS A 28 5.96 -9.00 -3.57
C CYS A 28 5.00 -10.14 -3.93
N ASP A 29 4.06 -9.84 -4.84
CA ASP A 29 3.09 -10.83 -5.27
C ASP A 29 3.33 -11.24 -6.72
N GLY A 30 3.79 -10.29 -7.53
CA GLY A 30 4.06 -10.57 -8.92
C GLY A 30 3.78 -9.38 -9.82
N LYS A 31 2.69 -8.68 -9.55
CA LYS A 31 2.31 -7.51 -10.33
C LYS A 31 1.73 -6.42 -9.44
N ASP A 32 1.28 -5.33 -10.06
CA ASP A 32 0.70 -4.21 -9.32
C ASP A 32 -0.52 -4.67 -8.53
N ASP A 33 -0.68 -4.13 -7.33
CA ASP A 33 -1.80 -4.49 -6.47
C ASP A 33 -2.76 -3.30 -6.32
N CYS A 34 -2.20 -2.09 -6.36
CA CYS A 34 -3.00 -0.88 -6.22
C CYS A 34 -3.52 -0.42 -7.58
N GLY A 35 -2.60 -0.02 -8.45
CA GLY A 35 -2.99 0.44 -9.77
C GLY A 35 -2.47 1.83 -10.08
N ASN A 36 -2.09 2.56 -9.03
CA ASN A 36 -1.56 3.92 -9.19
C ASN A 36 -0.04 3.90 -9.31
N GLY A 37 0.59 2.91 -8.68
CA GLY A 37 2.03 2.81 -8.72
C GLY A 37 2.68 3.15 -7.40
N ALA A 38 2.10 2.63 -6.30
CA ALA A 38 2.62 2.89 -4.97
C ALA A 38 3.01 1.59 -4.27
N ASP A 39 2.09 0.65 -4.26
CA ASP A 39 2.33 -0.65 -3.62
C ASP A 39 3.49 -1.38 -4.30
N GLU A 40 3.68 -1.11 -5.59
CA GLU A 40 4.76 -1.74 -6.35
C GLU A 40 6.09 -1.58 -5.64
N GLU A 41 6.28 -0.42 -4.99
CA GLU A 41 7.52 -0.15 -4.27
C GLU A 41 7.62 -1.01 -3.02
N ASN A 42 8.63 -0.72 -2.20
CA ASN A 42 8.85 -1.47 -0.96
C ASN A 42 9.18 -2.92 -1.27
N CYS A 43 9.60 -3.19 -2.50
CA CYS A 43 9.95 -4.54 -2.92
C CYS A 43 10.96 -4.51 -4.07
N GLY A 44 11.71 -3.41 -4.16
CA GLY A 44 12.70 -3.27 -5.21
C GLY A 44 12.26 -2.30 -6.29
N GLY A 1 -9.51 20.74 2.03
CA GLY A 1 -10.53 20.10 2.84
C GLY A 1 -10.93 18.74 2.30
N SER A 2 -9.97 17.82 2.23
CA SER A 2 -10.24 16.48 1.72
C SER A 2 -10.91 15.61 2.79
N MET A 3 -11.46 14.48 2.36
CA MET A 3 -12.13 13.57 3.28
C MET A 3 -11.40 12.22 3.33
N ILE A 4 -11.06 11.78 4.53
CA ILE A 4 -10.37 10.52 4.72
C ILE A 4 -10.96 9.73 5.88
N THR A 5 -10.97 8.41 5.74
CA THR A 5 -11.52 7.54 6.78
C THR A 5 -10.82 6.18 6.78
N PRO A 6 -9.54 6.18 7.19
CA PRO A 6 -8.74 4.95 7.25
C PRO A 6 -9.20 4.00 8.35
N SER A 7 -9.43 2.74 7.99
CA SER A 7 -9.88 1.74 8.94
C SER A 7 -9.00 0.49 8.88
N CYS A 8 -7.75 0.68 8.47
CA CYS A 8 -6.81 -0.43 8.37
C CYS A 8 -5.59 -0.20 9.26
N GLN A 9 -5.20 -1.23 10.00
CA GLN A 9 -4.05 -1.14 10.89
C GLN A 9 -3.38 -2.49 11.05
N LYS A 10 -2.05 -2.49 11.05
CA LYS A 10 -1.28 -3.73 11.20
C LYS A 10 -1.54 -4.67 10.03
N GLY A 11 -0.56 -4.79 9.15
CA GLY A 11 -0.69 -5.66 7.99
C GLY A 11 -0.98 -4.90 6.72
N TYR A 12 -2.07 -4.15 6.72
CA TYR A 12 -2.46 -3.36 5.55
C TYR A 12 -1.76 -2.01 5.54
N PHE A 13 -1.68 -1.40 4.36
CA PHE A 13 -1.03 -0.11 4.21
C PHE A 13 -1.77 0.76 3.20
N PRO A 14 -1.66 2.09 3.37
CA PRO A 14 -2.32 3.05 2.48
C PRO A 14 -1.69 3.08 1.10
N CYS A 15 -2.53 3.18 0.06
CA CYS A 15 -2.06 3.22 -1.31
C CYS A 15 -1.41 4.56 -1.63
N GLY A 16 -0.15 4.71 -1.22
CA GLY A 16 0.57 5.95 -1.47
C GLY A 16 -0.11 7.14 -0.85
N ASN A 17 -0.90 7.87 -1.64
CA ASN A 17 -1.60 9.04 -1.15
C ASN A 17 -3.10 8.90 -1.35
N LEU A 18 -3.54 7.68 -1.69
CA LEU A 18 -4.95 7.42 -1.91
C LEU A 18 -5.64 7.00 -0.61
N THR A 19 -6.95 6.75 -0.68
CA THR A 19 -7.71 6.35 0.48
C THR A 19 -7.98 4.84 0.47
N LYS A 20 -7.14 4.10 -0.24
CA LYS A 20 -7.28 2.66 -0.34
C LYS A 20 -6.21 1.95 0.48
N CYS A 21 -6.53 0.75 0.95
CA CYS A 21 -5.59 -0.04 1.74
C CYS A 21 -5.42 -1.43 1.14
N LEU A 22 -4.17 -1.86 1.00
CA LEU A 22 -3.85 -3.17 0.45
C LEU A 22 -3.51 -4.16 1.56
N PRO A 23 -3.67 -5.46 1.26
CA PRO A 23 -3.38 -6.52 2.22
C PRO A 23 -1.89 -6.67 2.49
N ARG A 24 -1.54 -7.45 3.51
CA ARG A 24 -0.15 -7.67 3.87
C ARG A 24 0.53 -8.61 2.89
N ALA A 25 -0.27 -9.38 2.16
CA ALA A 25 0.25 -10.32 1.19
C ALA A 25 0.78 -9.59 -0.05
N PHE A 26 0.43 -8.32 -0.17
CA PHE A 26 0.86 -7.51 -1.30
C PHE A 26 2.38 -7.52 -1.42
N HIS A 27 3.06 -7.81 -0.32
CA HIS A 27 4.52 -7.87 -0.31
C HIS A 27 5.04 -8.85 -1.34
N CYS A 28 5.50 -8.33 -2.48
CA CYS A 28 6.02 -9.17 -3.55
C CYS A 28 5.03 -10.26 -3.91
N ASP A 29 4.13 -9.95 -4.83
CA ASP A 29 3.12 -10.91 -5.28
C ASP A 29 3.38 -11.35 -6.72
N GLY A 30 3.86 -10.41 -7.53
CA GLY A 30 4.14 -10.72 -8.92
C GLY A 30 3.29 -9.90 -9.88
N LYS A 31 2.76 -8.78 -9.39
CA LYS A 31 1.93 -7.91 -10.21
C LYS A 31 1.48 -6.69 -9.41
N ASP A 32 0.82 -5.76 -10.09
CA ASP A 32 0.33 -4.55 -9.44
C ASP A 32 -1.04 -4.78 -8.80
N ASP A 33 -1.23 -4.21 -7.61
CA ASP A 33 -2.49 -4.36 -6.89
C ASP A 33 -3.14 -3.00 -6.64
N CYS A 34 -2.31 -1.99 -6.42
CA CYS A 34 -2.79 -0.65 -6.16
C CYS A 34 -3.33 -0.01 -7.45
N GLY A 35 -2.43 0.19 -8.42
CA GLY A 35 -2.84 0.79 -9.67
C GLY A 35 -2.28 2.20 -9.85
N ASN A 36 -1.85 2.81 -8.75
CA ASN A 36 -1.30 4.15 -8.78
C ASN A 36 0.22 4.11 -8.95
N GLY A 37 0.85 3.08 -8.39
CA GLY A 37 2.29 2.94 -8.50
C GLY A 37 2.99 3.20 -7.18
N ALA A 38 2.39 2.72 -6.10
CA ALA A 38 2.97 2.90 -4.77
C ALA A 38 3.21 1.55 -4.08
N ASP A 39 2.31 0.60 -4.32
CA ASP A 39 2.43 -0.72 -3.74
C ASP A 39 3.49 -1.54 -4.46
N GLU A 40 3.74 -1.21 -5.72
CA GLU A 40 4.74 -1.92 -6.51
C GLU A 40 6.13 -1.78 -5.90
N GLU A 41 6.33 -0.70 -5.14
CA GLU A 41 7.62 -0.45 -4.51
C GLU A 41 7.78 -1.31 -3.26
N ASN A 42 8.81 -1.02 -2.47
CA ASN A 42 9.08 -1.77 -1.25
C ASN A 42 9.41 -3.23 -1.57
N CYS A 43 9.81 -3.47 -2.82
CA CYS A 43 10.15 -4.83 -3.25
C CYS A 43 11.14 -4.79 -4.42
N GLY A 44 11.84 -3.66 -4.55
CA GLY A 44 12.82 -3.52 -5.62
C GLY A 44 14.24 -3.44 -5.11
N GLY A 1 10.68 12.17 6.72
CA GLY A 1 9.24 12.19 6.94
C GLY A 1 8.87 12.65 8.33
N SER A 2 9.17 11.83 9.33
CA SER A 2 8.87 12.16 10.71
C SER A 2 7.36 12.29 10.92
N MET A 3 6.93 12.26 12.17
CA MET A 3 5.52 12.38 12.50
C MET A 3 4.71 11.24 11.88
N ILE A 4 4.88 10.04 12.44
CA ILE A 4 4.17 8.87 11.95
C ILE A 4 2.66 9.07 12.01
N THR A 5 1.99 8.88 10.87
CA THR A 5 0.54 9.04 10.81
C THR A 5 -0.04 8.31 9.60
N PRO A 6 -0.04 6.96 9.67
CA PRO A 6 -0.57 6.12 8.59
C PRO A 6 -2.08 6.22 8.46
N SER A 7 -2.62 5.63 7.40
CA SER A 7 -4.06 5.65 7.15
C SER A 7 -4.64 4.24 7.10
N CYS A 8 -3.96 3.32 7.78
CA CYS A 8 -4.41 1.93 7.81
C CYS A 8 -3.84 1.20 9.02
N GLN A 9 -4.42 0.06 9.35
CA GLN A 9 -3.97 -0.73 10.49
C GLN A 9 -3.71 -2.18 10.08
N LYS A 10 -3.11 -2.95 10.98
CA LYS A 10 -2.81 -4.35 10.72
C LYS A 10 -1.82 -4.48 9.57
N GLY A 11 -1.64 -5.72 9.09
CA GLY A 11 -0.72 -5.95 7.99
C GLY A 11 -1.02 -5.09 6.78
N TYR A 12 -2.26 -4.63 6.68
CA TYR A 12 -2.67 -3.79 5.57
C TYR A 12 -1.98 -2.43 5.62
N PHE A 13 -1.92 -1.76 4.47
CA PHE A 13 -1.28 -0.45 4.39
C PHE A 13 -1.99 0.44 3.36
N PRO A 14 -1.90 1.76 3.56
CA PRO A 14 -2.53 2.74 2.66
C PRO A 14 -1.84 2.78 1.30
N CYS A 15 -2.64 3.00 0.25
CA CYS A 15 -2.12 3.07 -1.11
C CYS A 15 -1.38 4.39 -1.34
N GLY A 16 -0.19 4.50 -0.77
CA GLY A 16 0.60 5.71 -0.92
C GLY A 16 -0.10 6.93 -0.37
N ASN A 17 -0.78 7.66 -1.23
CA ASN A 17 -1.50 8.87 -0.81
C ASN A 17 -3.01 8.65 -0.87
N LEU A 18 -3.43 7.67 -1.67
CA LEU A 18 -4.85 7.36 -1.81
C LEU A 18 -5.44 6.91 -0.48
N THR A 19 -6.75 6.62 -0.49
CA THR A 19 -7.44 6.18 0.72
C THR A 19 -7.75 4.69 0.65
N LYS A 20 -7.01 3.97 -0.19
CA LYS A 20 -7.21 2.53 -0.35
C LYS A 20 -6.26 1.76 0.56
N CYS A 21 -6.67 0.55 0.95
CA CYS A 21 -5.86 -0.30 1.81
C CYS A 21 -5.64 -1.66 1.18
N LEU A 22 -4.37 -2.04 1.03
CA LEU A 22 -4.02 -3.33 0.44
C LEU A 22 -3.70 -4.35 1.53
N PRO A 23 -3.82 -5.64 1.17
CA PRO A 23 -3.54 -6.75 2.10
C PRO A 23 -2.06 -6.87 2.43
N ARG A 24 -1.74 -7.73 3.40
CA ARG A 24 -0.35 -7.93 3.81
C ARG A 24 0.40 -8.77 2.78
N ALA A 25 -0.32 -9.62 2.07
CA ALA A 25 0.27 -10.48 1.05
C ALA A 25 0.79 -9.65 -0.12
N PHE A 26 0.38 -8.39 -0.17
CA PHE A 26 0.81 -7.49 -1.25
C PHE A 26 2.33 -7.47 -1.37
N HIS A 27 3.01 -7.78 -0.28
CA HIS A 27 4.47 -7.80 -0.27
C HIS A 27 5.00 -8.75 -1.34
N CYS A 28 5.43 -8.18 -2.45
CA CYS A 28 5.97 -8.98 -3.56
C CYS A 28 5.01 -10.09 -3.93
N ASP A 29 4.08 -9.80 -4.84
CA ASP A 29 3.10 -10.78 -5.29
C ASP A 29 3.35 -11.17 -6.75
N GLY A 30 3.85 -10.22 -7.53
CA GLY A 30 4.12 -10.47 -8.93
C GLY A 30 3.86 -9.26 -9.81
N LYS A 31 2.75 -8.58 -9.55
CA LYS A 31 2.38 -7.39 -10.32
C LYS A 31 1.78 -6.32 -9.42
N ASP A 32 1.35 -5.23 -10.03
CA ASP A 32 0.74 -4.13 -9.28
C ASP A 32 -0.50 -4.61 -8.52
N ASP A 33 -0.68 -4.09 -7.32
CA ASP A 33 -1.82 -4.46 -6.48
C ASP A 33 -2.78 -3.29 -6.33
N CYS A 34 -2.25 -2.07 -6.35
CA CYS A 34 -3.06 -0.87 -6.22
C CYS A 34 -3.58 -0.41 -7.58
N GLY A 35 -2.66 -0.13 -8.49
CA GLY A 35 -3.04 0.32 -9.82
C GLY A 35 -2.54 1.72 -10.12
N ASN A 36 -2.15 2.45 -9.08
CA ASN A 36 -1.66 3.81 -9.24
C ASN A 36 -0.14 3.82 -9.36
N GLY A 37 0.50 2.81 -8.78
CA GLY A 37 1.95 2.73 -8.82
C GLY A 37 2.59 3.10 -7.49
N ALA A 38 2.04 2.57 -6.41
CA ALA A 38 2.57 2.85 -5.07
C ALA A 38 2.97 1.57 -4.36
N ASP A 39 2.05 0.61 -4.30
CA ASP A 39 2.31 -0.66 -3.66
C ASP A 39 3.48 -1.38 -4.32
N GLU A 40 3.69 -1.11 -5.61
CA GLU A 40 4.77 -1.74 -6.35
C GLU A 40 6.11 -1.57 -5.62
N GLU A 41 6.30 -0.41 -5.01
CA GLU A 41 7.52 -0.12 -4.28
C GLU A 41 7.64 -1.00 -3.04
N ASN A 42 8.64 -0.72 -2.22
CA ASN A 42 8.86 -1.49 -0.99
C ASN A 42 9.20 -2.94 -1.32
N CYS A 43 9.62 -3.18 -2.56
CA CYS A 43 9.98 -4.52 -3.01
C CYS A 43 10.98 -4.47 -4.15
N GLY A 44 11.71 -3.36 -4.24
CA GLY A 44 12.70 -3.21 -5.30
C GLY A 44 13.99 -2.60 -4.79
N GLY A 1 5.05 24.10 7.56
CA GLY A 1 5.01 23.01 8.52
C GLY A 1 3.72 22.23 8.46
N SER A 2 3.80 20.99 7.97
CA SER A 2 2.62 20.13 7.85
C SER A 2 2.91 18.74 8.38
N MET A 3 1.91 18.14 9.02
CA MET A 3 2.05 16.80 9.57
C MET A 3 0.88 15.91 9.16
N ILE A 4 1.20 14.75 8.59
CA ILE A 4 0.18 13.82 8.14
C ILE A 4 0.51 12.39 8.59
N THR A 5 -0.53 11.62 8.91
CA THR A 5 -0.34 10.24 9.34
C THR A 5 -1.38 9.33 8.71
N PRO A 6 -1.08 8.01 8.69
CA PRO A 6 -1.98 7.01 8.12
C PRO A 6 -3.23 6.80 8.96
N SER A 7 -4.26 6.23 8.35
CA SER A 7 -5.52 5.98 9.04
C SER A 7 -5.95 4.53 8.88
N CYS A 8 -4.98 3.63 8.84
CA CYS A 8 -5.25 2.21 8.69
C CYS A 8 -4.64 1.40 9.84
N GLN A 9 -4.90 0.10 9.85
CA GLN A 9 -4.38 -0.77 10.90
C GLN A 9 -4.07 -2.16 10.35
N LYS A 10 -3.60 -3.04 11.22
CA LYS A 10 -3.26 -4.41 10.82
C LYS A 10 -2.11 -4.41 9.82
N GLY A 11 -1.80 -5.59 9.29
CA GLY A 11 -0.72 -5.71 8.33
C GLY A 11 -0.97 -4.89 7.08
N TYR A 12 -2.22 -4.47 6.88
CA TYR A 12 -2.59 -3.69 5.71
C TYR A 12 -1.90 -2.32 5.74
N PHE A 13 -1.80 -1.70 4.56
CA PHE A 13 -1.17 -0.39 4.45
C PHE A 13 -1.87 0.46 3.41
N PRO A 14 -1.91 1.79 3.64
CA PRO A 14 -2.55 2.74 2.72
C PRO A 14 -1.77 2.90 1.43
N CYS A 15 -2.48 3.03 0.32
CA CYS A 15 -1.85 3.20 -0.99
C CYS A 15 -0.94 4.42 -0.99
N GLY A 16 -0.33 4.68 -2.14
CA GLY A 16 0.56 5.82 -2.27
C GLY A 16 -0.08 7.11 -1.80
N ASN A 17 -1.12 7.54 -2.50
CA ASN A 17 -1.84 8.76 -2.16
C ASN A 17 -3.30 8.48 -1.86
N LEU A 18 -3.86 7.48 -2.55
CA LEU A 18 -5.26 7.11 -2.37
C LEU A 18 -5.54 6.77 -0.91
N THR A 19 -6.79 6.43 -0.61
CA THR A 19 -7.20 6.08 0.74
C THR A 19 -7.53 4.60 0.86
N LYS A 20 -7.03 3.82 -0.11
CA LYS A 20 -7.28 2.38 -0.12
C LYS A 20 -6.17 1.64 0.63
N CYS A 21 -6.53 0.52 1.25
CA CYS A 21 -5.57 -0.28 2.00
C CYS A 21 -5.42 -1.67 1.38
N LEU A 22 -4.17 -2.07 1.17
CA LEU A 22 -3.89 -3.38 0.58
C LEU A 22 -3.53 -4.39 1.66
N PRO A 23 -3.69 -5.68 1.33
CA PRO A 23 -3.38 -6.78 2.26
C PRO A 23 -1.89 -6.93 2.52
N ARG A 24 -1.53 -7.78 3.47
CA ARG A 24 -0.14 -8.02 3.80
C ARG A 24 0.56 -8.86 2.73
N ALA A 25 -0.24 -9.64 2.01
CA ALA A 25 0.30 -10.50 0.95
C ALA A 25 0.85 -9.66 -0.20
N PHE A 26 0.51 -8.38 -0.21
CA PHE A 26 0.98 -7.47 -1.25
C PHE A 26 2.50 -7.50 -1.37
N HIS A 27 3.16 -7.91 -0.29
CA HIS A 27 4.62 -7.99 -0.28
C HIS A 27 5.13 -8.89 -1.39
N CYS A 28 5.57 -8.27 -2.48
CA CYS A 28 6.09 -9.01 -3.63
C CYS A 28 5.02 -9.96 -4.19
N ASP A 29 4.36 -9.52 -5.25
CA ASP A 29 3.32 -10.32 -5.89
C ASP A 29 3.66 -10.59 -7.36
N GLY A 30 4.11 -9.56 -8.05
CA GLY A 30 4.46 -9.70 -9.45
C GLY A 30 3.83 -8.64 -10.32
N LYS A 31 2.73 -8.07 -9.86
CA LYS A 31 2.03 -7.03 -10.60
C LYS A 31 1.51 -5.94 -9.66
N ASP A 32 0.88 -4.92 -10.23
CA ASP A 32 0.33 -3.82 -9.45
C ASP A 32 -0.95 -4.24 -8.73
N ASP A 33 -0.99 -4.03 -7.42
CA ASP A 33 -2.15 -4.39 -6.63
C ASP A 33 -2.92 -3.14 -6.18
N CYS A 34 -2.20 -2.03 -6.07
CA CYS A 34 -2.81 -0.77 -5.65
C CYS A 34 -3.58 -0.13 -6.81
N GLY A 35 -2.85 0.24 -7.86
CA GLY A 35 -3.49 0.86 -9.01
C GLY A 35 -2.73 2.10 -9.49
N ASN A 36 -1.88 2.64 -8.62
CA ASN A 36 -1.11 3.83 -8.96
C ASN A 36 0.37 3.47 -9.13
N GLY A 37 0.82 2.44 -8.43
CA GLY A 37 2.21 2.03 -8.52
C GLY A 37 2.98 2.26 -7.23
N ALA A 38 2.24 2.41 -6.13
CA ALA A 38 2.86 2.64 -4.82
C ALA A 38 3.17 1.31 -4.13
N ASP A 39 2.24 0.38 -4.19
CA ASP A 39 2.42 -0.93 -3.56
C ASP A 39 3.53 -1.71 -4.27
N GLU A 40 3.69 -1.46 -5.56
CA GLU A 40 4.71 -2.15 -6.35
C GLU A 40 6.09 -1.98 -5.71
N GLU A 41 6.27 -0.88 -4.98
CA GLU A 41 7.54 -0.60 -4.32
C GLU A 41 7.73 -1.49 -3.09
N ASN A 42 8.74 -1.17 -2.30
CA ASN A 42 9.03 -1.95 -1.10
C ASN A 42 9.43 -3.38 -1.45
N CYS A 43 9.77 -3.60 -2.72
CA CYS A 43 10.17 -4.92 -3.19
C CYS A 43 11.09 -4.81 -4.40
N GLY A 44 11.71 -3.66 -4.57
CA GLY A 44 12.61 -3.44 -5.68
C GLY A 44 11.89 -2.91 -6.91
N GLY A 1 4.33 17.80 7.36
CA GLY A 1 5.55 17.12 6.97
C GLY A 1 5.65 15.73 7.58
N SER A 2 6.88 15.27 7.78
CA SER A 2 7.12 13.95 8.35
C SER A 2 6.48 12.86 7.50
N MET A 3 6.47 11.64 8.02
CA MET A 3 5.88 10.51 7.30
C MET A 3 5.48 9.40 8.27
N ILE A 4 4.63 9.74 9.23
CA ILE A 4 4.18 8.78 10.22
C ILE A 4 2.66 8.91 10.45
N THR A 5 2.10 7.93 11.16
CA THR A 5 0.67 7.94 11.45
C THR A 5 -0.15 7.81 10.17
N PRO A 6 -0.11 6.62 9.56
CA PRO A 6 -0.84 6.34 8.32
C PRO A 6 -2.34 6.28 8.54
N SER A 7 -3.09 6.06 7.46
CA SER A 7 -4.55 5.99 7.54
C SER A 7 -5.01 4.54 7.53
N CYS A 8 -4.15 3.64 8.01
CA CYS A 8 -4.48 2.23 8.05
C CYS A 8 -3.76 1.53 9.22
N GLN A 9 -4.20 0.32 9.55
CA GLN A 9 -3.59 -0.43 10.63
C GLN A 9 -3.37 -1.89 10.23
N LYS A 10 -2.77 -2.67 11.12
CA LYS A 10 -2.51 -4.08 10.86
C LYS A 10 -1.55 -4.23 9.69
N GLY A 11 -1.34 -5.48 9.27
CA GLY A 11 -0.43 -5.75 8.16
C GLY A 11 -0.77 -4.94 6.93
N TYR A 12 -2.03 -4.54 6.81
CA TYR A 12 -2.49 -3.75 5.67
C TYR A 12 -1.82 -2.39 5.65
N PHE A 13 -1.81 -1.75 4.48
CA PHE A 13 -1.21 -0.43 4.32
C PHE A 13 -1.98 0.39 3.30
N PRO A 14 -1.86 1.72 3.40
CA PRO A 14 -2.53 2.66 2.49
C PRO A 14 -1.94 2.61 1.09
N CYS A 15 -2.80 2.80 0.09
CA CYS A 15 -2.37 2.78 -1.30
C CYS A 15 -1.69 4.09 -1.69
N GLY A 16 -0.63 4.43 -0.96
CA GLY A 16 0.09 5.66 -1.23
C GLY A 16 -0.62 6.88 -0.71
N ASN A 17 -1.60 7.37 -1.47
CA ASN A 17 -2.36 8.54 -1.07
C ASN A 17 -3.86 8.23 -1.04
N LEU A 18 -4.30 7.41 -1.98
CA LEU A 18 -5.71 7.04 -2.07
C LEU A 18 -6.22 6.51 -0.73
N THR A 19 -7.53 6.30 -0.64
CA THR A 19 -8.14 5.80 0.58
C THR A 19 -8.29 4.29 0.55
N LYS A 20 -7.48 3.64 -0.28
CA LYS A 20 -7.52 2.19 -0.42
C LYS A 20 -6.45 1.54 0.46
N CYS A 21 -6.74 0.33 0.94
CA CYS A 21 -5.81 -0.40 1.79
C CYS A 21 -5.62 -1.83 1.29
N LEU A 22 -4.38 -2.21 1.05
CA LEU A 22 -4.07 -3.56 0.57
C LEU A 22 -3.61 -4.45 1.72
N PRO A 23 -3.76 -5.76 1.55
CA PRO A 23 -3.35 -6.76 2.56
C PRO A 23 -1.84 -6.85 2.70
N ARG A 24 -1.39 -7.64 3.67
CA ARG A 24 0.03 -7.82 3.92
C ARG A 24 0.66 -8.70 2.84
N ALA A 25 -0.17 -9.52 2.19
CA ALA A 25 0.30 -10.42 1.15
C ALA A 25 0.77 -9.63 -0.08
N PHE A 26 0.42 -8.35 -0.13
CA PHE A 26 0.81 -7.50 -1.24
C PHE A 26 2.32 -7.52 -1.45
N HIS A 27 3.05 -7.82 -0.37
CA HIS A 27 4.50 -7.88 -0.44
C HIS A 27 4.97 -8.86 -1.52
N CYS A 28 5.36 -8.32 -2.67
CA CYS A 28 5.83 -9.14 -3.78
C CYS A 28 4.82 -10.24 -4.09
N ASP A 29 3.83 -9.92 -4.92
CA ASP A 29 2.81 -10.89 -5.30
C ASP A 29 2.98 -11.32 -6.75
N GLY A 30 3.36 -10.37 -7.60
CA GLY A 30 3.57 -10.68 -9.01
C GLY A 30 3.33 -9.48 -9.90
N LYS A 31 2.31 -8.71 -9.59
CA LYS A 31 1.97 -7.52 -10.37
C LYS A 31 1.42 -6.42 -9.47
N ASP A 32 1.39 -5.19 -10.00
CA ASP A 32 0.89 -4.05 -9.25
C ASP A 32 -0.53 -4.32 -8.75
N ASP A 33 -0.80 -3.88 -7.51
CA ASP A 33 -2.11 -4.07 -6.91
C ASP A 33 -2.73 -2.73 -6.52
N CYS A 34 -1.99 -1.65 -6.75
CA CYS A 34 -2.46 -0.32 -6.42
C CYS A 34 -2.97 0.40 -7.68
N GLY A 35 -2.08 0.57 -8.66
CA GLY A 35 -2.46 1.23 -9.89
C GLY A 35 -1.70 2.53 -10.09
N ASN A 36 -1.39 3.22 -8.99
CA ASN A 36 -0.67 4.49 -9.06
C ASN A 36 0.83 4.25 -9.06
N GLY A 37 1.26 3.19 -8.39
CA GLY A 37 2.67 2.87 -8.34
C GLY A 37 3.24 2.99 -6.93
N ALA A 38 2.40 2.72 -5.93
CA ALA A 38 2.82 2.81 -4.54
C ALA A 38 3.13 1.43 -3.97
N ASP A 39 2.17 0.53 -4.08
CA ASP A 39 2.33 -0.83 -3.58
C ASP A 39 3.45 -1.55 -4.33
N GLU A 40 3.70 -1.13 -5.57
CA GLU A 40 4.74 -1.73 -6.38
C GLU A 40 6.10 -1.65 -5.69
N GLU A 41 6.29 -0.59 -4.89
CA GLU A 41 7.53 -0.41 -4.17
C GLU A 41 7.71 -1.46 -3.08
N ASN A 42 8.73 -1.28 -2.24
CA ASN A 42 9.00 -2.22 -1.16
C ASN A 42 9.36 -3.60 -1.72
N CYS A 43 9.78 -3.63 -2.98
CA CYS A 43 10.15 -4.88 -3.63
C CYS A 43 11.14 -4.63 -4.77
N GLY A 44 11.82 -3.47 -4.72
CA GLY A 44 12.78 -3.13 -5.74
C GLY A 44 12.17 -3.13 -7.13
N GLY A 1 4.56 20.03 4.22
CA GLY A 1 3.64 19.70 5.29
C GLY A 1 2.87 18.43 5.01
N SER A 2 3.41 17.30 5.45
CA SER A 2 2.76 16.01 5.26
C SER A 2 1.37 15.99 5.85
N MET A 3 0.42 15.43 5.12
CA MET A 3 -0.97 15.35 5.59
C MET A 3 -1.40 13.89 5.76
N ILE A 4 -1.03 13.05 4.81
CA ILE A 4 -1.37 11.64 4.86
C ILE A 4 -0.44 10.87 5.81
N THR A 5 -0.97 9.81 6.41
CA THR A 5 -0.19 8.99 7.33
C THR A 5 -0.80 7.61 7.48
N PRO A 6 0.02 6.65 7.95
CA PRO A 6 -0.42 5.27 8.16
C PRO A 6 -1.39 5.13 9.32
N SER A 7 -2.63 4.74 9.01
CA SER A 7 -3.65 4.57 10.03
C SER A 7 -4.50 3.33 9.75
N CYS A 8 -3.86 2.29 9.23
CA CYS A 8 -4.54 1.04 8.92
C CYS A 8 -4.24 -0.02 9.97
N GLN A 9 -4.88 -1.18 9.83
CA GLN A 9 -4.67 -2.28 10.76
C GLN A 9 -4.62 -3.62 10.03
N LYS A 10 -4.43 -4.69 10.78
CA LYS A 10 -4.36 -6.03 10.21
C LYS A 10 -3.16 -6.16 9.27
N GLY A 11 -2.17 -5.28 9.45
CA GLY A 11 -0.99 -5.32 8.62
C GLY A 11 -1.16 -4.53 7.33
N TYR A 12 -2.39 -4.08 7.07
CA TYR A 12 -2.68 -3.33 5.87
C TYR A 12 -1.98 -1.97 5.89
N PHE A 13 -1.82 -1.37 4.72
CA PHE A 13 -1.16 -0.08 4.60
C PHE A 13 -1.81 0.77 3.51
N PRO A 14 -1.86 2.08 3.72
CA PRO A 14 -2.45 3.03 2.77
C PRO A 14 -1.62 3.17 1.50
N CYS A 15 -2.29 3.30 0.37
CA CYS A 15 -1.62 3.44 -0.91
C CYS A 15 -0.64 4.60 -0.89
N GLY A 16 0.16 4.73 -1.94
CA GLY A 16 1.13 5.81 -2.02
C GLY A 16 0.51 7.16 -1.78
N ASN A 17 -0.43 7.54 -2.64
CA ASN A 17 -1.11 8.83 -2.51
C ASN A 17 -2.60 8.64 -2.26
N LEU A 18 -3.13 7.51 -2.73
CA LEU A 18 -4.55 7.21 -2.55
C LEU A 18 -4.86 6.90 -1.09
N THR A 19 -6.13 6.63 -0.80
CA THR A 19 -6.55 6.33 0.56
C THR A 19 -7.01 4.87 0.67
N LYS A 20 -6.58 4.05 -0.27
CA LYS A 20 -6.92 2.63 -0.28
C LYS A 20 -5.91 1.81 0.52
N CYS A 21 -6.41 0.91 1.35
CA CYS A 21 -5.56 0.06 2.17
C CYS A 21 -5.39 -1.31 1.53
N LEU A 22 -4.15 -1.72 1.34
CA LEU A 22 -3.85 -3.02 0.74
C LEU A 22 -3.50 -4.04 1.81
N PRO A 23 -3.67 -5.34 1.47
CA PRO A 23 -3.37 -6.44 2.38
C PRO A 23 -1.87 -6.60 2.64
N ARG A 24 -1.53 -7.44 3.61
CA ARG A 24 -0.14 -7.69 3.96
C ARG A 24 0.53 -8.55 2.90
N ALA A 25 -0.26 -9.34 2.18
CA ALA A 25 0.26 -10.21 1.14
C ALA A 25 0.85 -9.41 -0.01
N PHE A 26 0.55 -8.11 -0.03
CA PHE A 26 1.05 -7.23 -1.08
C PHE A 26 2.57 -7.28 -1.16
N HIS A 27 3.20 -7.69 -0.07
CA HIS A 27 4.66 -7.79 0.00
C HIS A 27 5.18 -8.68 -1.12
N CYS A 28 5.65 -8.07 -2.20
CA CYS A 28 6.18 -8.82 -3.33
C CYS A 28 5.14 -9.76 -3.90
N ASP A 29 4.48 -9.34 -4.98
CA ASP A 29 3.46 -10.15 -5.62
C ASP A 29 3.82 -10.43 -7.08
N GLY A 30 4.27 -9.40 -7.79
CA GLY A 30 4.65 -9.56 -9.18
C GLY A 30 4.01 -8.51 -10.07
N LYS A 31 2.91 -7.93 -9.61
CA LYS A 31 2.21 -6.91 -10.37
C LYS A 31 1.58 -5.87 -9.44
N ASP A 32 1.01 -4.82 -10.03
CA ASP A 32 0.37 -3.77 -9.25
C ASP A 32 -0.87 -4.29 -8.53
N ASP A 33 -1.02 -3.91 -7.27
CA ASP A 33 -2.16 -4.35 -6.47
C ASP A 33 -3.09 -3.17 -6.18
N CYS A 34 -2.54 -1.97 -6.15
CA CYS A 34 -3.31 -0.77 -5.89
C CYS A 34 -3.92 -0.21 -7.17
N GLY A 35 -3.27 -0.51 -8.30
CA GLY A 35 -3.76 -0.04 -9.57
C GLY A 35 -3.16 1.31 -9.96
N ASN A 36 -2.59 2.00 -8.98
CA ASN A 36 -1.99 3.31 -9.22
C ASN A 36 -0.49 3.18 -9.44
N GLY A 37 0.09 2.11 -8.91
CA GLY A 37 1.52 1.89 -9.06
C GLY A 37 2.31 2.41 -7.88
N ALA A 38 1.81 2.16 -6.67
CA ALA A 38 2.49 2.60 -5.46
C ALA A 38 2.94 1.41 -4.61
N ASP A 39 1.99 0.52 -4.29
CA ASP A 39 2.29 -0.65 -3.49
C ASP A 39 3.38 -1.50 -4.14
N GLU A 40 3.52 -1.35 -5.46
CA GLU A 40 4.52 -2.10 -6.20
C GLU A 40 5.91 -1.91 -5.60
N GLU A 41 6.17 -0.72 -5.08
CA GLU A 41 7.47 -0.41 -4.47
C GLU A 41 7.65 -1.20 -3.18
N ASN A 42 8.68 -0.84 -2.42
CA ASN A 42 8.97 -1.52 -1.16
C ASN A 42 9.37 -2.97 -1.39
N CYS A 43 9.69 -3.28 -2.65
CA CYS A 43 10.09 -4.64 -3.01
C CYS A 43 10.97 -4.63 -4.25
N GLY A 44 11.61 -3.50 -4.52
CA GLY A 44 12.47 -3.38 -5.67
C GLY A 44 11.71 -3.49 -6.98
N GLY A 1 -6.99 20.66 7.64
CA GLY A 1 -7.79 19.46 7.77
C GLY A 1 -7.26 18.31 6.92
N SER A 2 -8.11 17.32 6.67
CA SER A 2 -7.73 16.16 5.87
C SER A 2 -8.91 15.64 5.07
N MET A 3 -8.62 15.02 3.93
CA MET A 3 -9.65 14.47 3.07
C MET A 3 -9.70 12.94 3.17
N ILE A 4 -8.53 12.34 3.33
CA ILE A 4 -8.44 10.88 3.44
C ILE A 4 -8.78 10.42 4.85
N THR A 5 -9.59 9.37 4.94
CA THR A 5 -9.99 8.82 6.23
C THR A 5 -9.42 7.42 6.44
N PRO A 6 -8.11 7.34 6.67
CA PRO A 6 -7.42 6.06 6.88
C PRO A 6 -7.80 5.41 8.21
N SER A 7 -8.28 4.18 8.16
CA SER A 7 -8.68 3.46 9.36
C SER A 7 -8.12 2.03 9.35
N CYS A 8 -7.02 1.85 8.64
CA CYS A 8 -6.38 0.53 8.55
C CYS A 8 -4.95 0.58 9.07
N GLN A 9 -4.60 -0.40 9.89
CA GLN A 9 -3.25 -0.47 10.46
C GLN A 9 -2.85 -1.91 10.74
N LYS A 10 -1.55 -2.16 10.79
CA LYS A 10 -1.04 -3.50 11.06
C LYS A 10 -1.45 -4.47 9.95
N GLY A 11 -0.49 -4.83 9.10
CA GLY A 11 -0.77 -5.75 8.02
C GLY A 11 -1.09 -5.04 6.72
N TYR A 12 -2.08 -4.16 6.76
CA TYR A 12 -2.48 -3.41 5.58
C TYR A 12 -1.79 -2.04 5.54
N PHE A 13 -1.72 -1.46 4.35
CA PHE A 13 -1.09 -0.16 4.17
C PHE A 13 -1.86 0.68 3.16
N PRO A 14 -1.80 2.01 3.33
CA PRO A 14 -2.49 2.96 2.45
C PRO A 14 -1.86 3.02 1.06
N CYS A 15 -2.71 3.09 0.04
CA CYS A 15 -2.23 3.15 -1.34
C CYS A 15 -1.61 4.51 -1.64
N GLY A 16 -0.36 4.69 -1.22
CA GLY A 16 0.32 5.95 -1.46
C GLY A 16 -0.40 7.14 -0.84
N ASN A 17 -1.19 7.83 -1.65
CA ASN A 17 -1.94 8.99 -1.18
C ASN A 17 -3.43 8.79 -1.39
N LEU A 18 -3.83 7.57 -1.72
CA LEU A 18 -5.23 7.25 -1.95
C LEU A 18 -5.92 6.81 -0.65
N THR A 19 -7.21 6.54 -0.73
CA THR A 19 -7.98 6.10 0.42
C THR A 19 -8.21 4.60 0.42
N LYS A 20 -7.34 3.88 -0.28
CA LYS A 20 -7.44 2.43 -0.36
C LYS A 20 -6.34 1.75 0.45
N CYS A 21 -6.62 0.55 0.95
CA CYS A 21 -5.67 -0.20 1.74
C CYS A 21 -5.49 -1.61 1.20
N LEU A 22 -4.24 -2.01 1.01
CA LEU A 22 -3.93 -3.34 0.49
C LEU A 22 -3.56 -4.29 1.62
N PRO A 23 -3.70 -5.60 1.36
CA PRO A 23 -3.38 -6.64 2.35
C PRO A 23 -1.88 -6.75 2.59
N ARG A 24 -1.52 -7.56 3.60
CA ARG A 24 -0.12 -7.76 3.94
C ARG A 24 0.57 -8.65 2.91
N ALA A 25 -0.21 -9.46 2.21
CA ALA A 25 0.33 -10.36 1.21
C ALA A 25 0.80 -9.60 -0.02
N PHE A 26 0.42 -8.33 -0.10
CA PHE A 26 0.80 -7.49 -1.22
C PHE A 26 2.32 -7.50 -1.41
N HIS A 27 3.05 -7.78 -0.35
CA HIS A 27 4.50 -7.83 -0.39
C HIS A 27 4.98 -8.82 -1.45
N CYS A 28 5.44 -8.30 -2.58
CA CYS A 28 5.92 -9.13 -3.68
C CYS A 28 4.83 -10.08 -4.15
N ASP A 29 4.14 -9.69 -5.22
CA ASP A 29 3.07 -10.52 -5.78
C ASP A 29 3.37 -10.90 -7.22
N GLY A 30 3.83 -9.91 -8.00
CA GLY A 30 4.15 -10.17 -9.39
C GLY A 30 3.50 -9.17 -10.32
N LYS A 31 2.46 -8.50 -9.84
CA LYS A 31 1.75 -7.51 -10.64
C LYS A 31 1.39 -6.29 -9.80
N ASP A 32 0.57 -5.41 -10.36
CA ASP A 32 0.15 -4.20 -9.66
C ASP A 32 -1.21 -4.41 -8.97
N ASP A 33 -1.23 -4.23 -7.65
CA ASP A 33 -2.45 -4.39 -6.88
C ASP A 33 -3.08 -3.05 -6.56
N CYS A 34 -2.25 -2.01 -6.52
CA CYS A 34 -2.73 -0.66 -6.23
C CYS A 34 -3.13 0.07 -7.51
N GLY A 35 -2.26 0.00 -8.52
CA GLY A 35 -2.54 0.65 -9.78
C GLY A 35 -1.93 2.04 -9.86
N ASN A 36 -1.59 2.60 -8.71
CA ASN A 36 -1.00 3.93 -8.64
C ASN A 36 0.51 3.86 -8.77
N GLY A 37 1.10 2.79 -8.23
CA GLY A 37 2.54 2.62 -8.30
C GLY A 37 3.20 2.80 -6.95
N ALA A 38 2.48 2.47 -5.88
CA ALA A 38 3.00 2.59 -4.53
C ALA A 38 3.17 1.22 -3.87
N ASP A 39 2.29 0.30 -4.23
CA ASP A 39 2.34 -1.06 -3.68
C ASP A 39 3.47 -1.85 -4.30
N GLU A 40 3.88 -1.45 -5.50
CA GLU A 40 4.96 -2.14 -6.21
C GLU A 40 6.28 -1.99 -5.46
N GLU A 41 6.39 -0.94 -4.65
CA GLU A 41 7.59 -0.69 -3.88
C GLU A 41 7.67 -1.61 -2.66
N ASN A 42 8.60 -1.32 -1.77
CA ASN A 42 8.77 -2.12 -0.56
C ASN A 42 9.17 -3.56 -0.90
N CYS A 43 9.66 -3.75 -2.12
CA CYS A 43 10.07 -5.08 -2.58
C CYS A 43 11.13 -4.96 -3.68
N GLY A 44 11.83 -3.83 -3.71
CA GLY A 44 12.85 -3.61 -4.72
C GLY A 44 14.25 -3.65 -4.13
N GLY A 1 -9.91 18.51 -0.28
CA GLY A 1 -9.30 17.21 -0.46
C GLY A 1 -10.21 16.07 -0.02
N SER A 2 -11.25 15.82 -0.79
CA SER A 2 -12.19 14.76 -0.47
C SER A 2 -12.88 15.02 0.87
N MET A 3 -13.64 14.05 1.34
CA MET A 3 -14.35 14.17 2.61
C MET A 3 -14.06 12.97 3.51
N ILE A 4 -14.49 11.79 3.07
CA ILE A 4 -14.27 10.58 3.85
C ILE A 4 -12.79 10.23 3.92
N THR A 5 -12.35 9.76 5.09
CA THR A 5 -10.96 9.40 5.29
C THR A 5 -10.83 7.93 5.69
N PRO A 6 -9.63 7.37 5.49
CA PRO A 6 -9.35 5.96 5.83
C PRO A 6 -9.33 5.72 7.34
N SER A 7 -9.29 4.45 7.72
CA SER A 7 -9.27 4.08 9.13
C SER A 7 -8.85 2.63 9.31
N CYS A 8 -7.90 2.19 8.50
CA CYS A 8 -7.40 0.82 8.55
C CYS A 8 -5.90 0.79 8.85
N GLN A 9 -5.49 -0.07 9.77
CA GLN A 9 -4.09 -0.19 10.14
C GLN A 9 -3.76 -1.63 10.55
N LYS A 10 -2.50 -1.86 10.89
CA LYS A 10 -2.05 -3.18 11.31
C LYS A 10 -2.21 -4.19 10.19
N GLY A 11 -1.08 -4.59 9.59
CA GLY A 11 -1.12 -5.56 8.50
C GLY A 11 -1.29 -4.90 7.15
N TYR A 12 -2.32 -4.06 7.04
CA TYR A 12 -2.60 -3.36 5.79
C TYR A 12 -2.01 -1.96 5.79
N PHE A 13 -1.91 -1.35 4.62
CA PHE A 13 -1.36 -0.02 4.49
C PHE A 13 -2.06 0.77 3.38
N PRO A 14 -2.02 2.10 3.47
CA PRO A 14 -2.65 2.98 2.48
C PRO A 14 -1.93 2.94 1.14
N CYS A 15 -2.70 2.88 0.06
CA CYS A 15 -2.14 2.84 -1.29
C CYS A 15 -1.53 4.19 -1.66
N GLY A 16 -0.25 4.37 -1.35
CA GLY A 16 0.43 5.61 -1.66
C GLY A 16 -0.26 6.81 -1.02
N ASN A 17 -1.07 7.51 -1.80
CA ASN A 17 -1.77 8.69 -1.30
C ASN A 17 -3.28 8.43 -1.24
N LEU A 18 -3.73 7.41 -1.96
CA LEU A 18 -5.15 7.07 -1.99
C LEU A 18 -5.62 6.60 -0.61
N THR A 19 -6.91 6.29 -0.52
CA THR A 19 -7.49 5.85 0.75
C THR A 19 -7.77 4.35 0.72
N LYS A 20 -7.10 3.64 -0.18
CA LYS A 20 -7.27 2.20 -0.30
C LYS A 20 -6.29 1.45 0.58
N CYS A 21 -6.72 0.32 1.13
CA CYS A 21 -5.88 -0.49 2.00
C CYS A 21 -5.51 -1.80 1.31
N LEU A 22 -4.21 -2.10 1.30
CA LEU A 22 -3.72 -3.33 0.68
C LEU A 22 -3.22 -4.31 1.74
N PRO A 23 -3.34 -5.62 1.44
CA PRO A 23 -2.92 -6.68 2.35
C PRO A 23 -1.39 -6.75 2.48
N ARG A 24 -0.92 -7.53 3.44
CA ARG A 24 0.51 -7.69 3.67
C ARG A 24 1.14 -8.57 2.60
N ALA A 25 0.33 -9.44 2.02
CA ALA A 25 0.81 -10.36 0.98
C ALA A 25 1.21 -9.58 -0.28
N PHE A 26 0.81 -8.32 -0.35
CA PHE A 26 1.12 -7.48 -1.49
C PHE A 26 2.61 -7.50 -1.79
N HIS A 27 3.42 -7.75 -0.76
CA HIS A 27 4.87 -7.80 -0.91
C HIS A 27 5.27 -8.83 -1.96
N CYS A 28 5.69 -8.34 -3.12
CA CYS A 28 6.10 -9.22 -4.22
C CYS A 28 5.03 -10.27 -4.51
N ASP A 29 4.05 -9.88 -5.34
CA ASP A 29 2.97 -10.79 -5.69
C ASP A 29 3.08 -11.21 -7.16
N GLY A 30 3.43 -10.26 -8.02
CA GLY A 30 3.55 -10.54 -9.43
C GLY A 30 2.97 -9.45 -10.31
N LYS A 31 1.93 -8.78 -9.80
CA LYS A 31 1.29 -7.71 -10.55
C LYS A 31 1.04 -6.50 -9.64
N ASP A 32 0.52 -5.43 -10.23
CA ASP A 32 0.22 -4.21 -9.47
C ASP A 32 -1.13 -4.32 -8.79
N ASP A 33 -1.19 -3.88 -7.53
CA ASP A 33 -2.43 -3.92 -6.77
C ASP A 33 -2.84 -2.51 -6.33
N CYS A 34 -1.87 -1.65 -6.12
CA CYS A 34 -2.13 -0.27 -5.71
C CYS A 34 -2.95 0.46 -6.76
N GLY A 35 -2.43 0.48 -7.98
CA GLY A 35 -3.12 1.16 -9.07
C GLY A 35 -2.34 2.33 -9.62
N ASN A 36 -1.47 2.91 -8.79
CA ASN A 36 -0.66 4.04 -9.20
C ASN A 36 0.83 3.69 -9.18
N GLY A 37 1.19 2.73 -8.33
CA GLY A 37 2.57 2.31 -8.23
C GLY A 37 3.19 2.66 -6.90
N ALA A 38 2.47 2.37 -5.81
CA ALA A 38 2.96 2.68 -4.47
C ALA A 38 3.19 1.39 -3.68
N ASP A 39 2.35 0.39 -3.92
CA ASP A 39 2.47 -0.88 -3.23
C ASP A 39 3.48 -1.79 -3.94
N GLU A 40 3.76 -1.49 -5.19
CA GLU A 40 4.70 -2.29 -5.98
C GLU A 40 6.13 -2.06 -5.50
N GLU A 41 6.37 -0.89 -4.90
CA GLU A 41 7.69 -0.54 -4.40
C GLU A 41 8.08 -1.44 -3.23
N ASN A 42 9.26 -1.21 -2.66
CA ASN A 42 9.74 -2.00 -1.54
C ASN A 42 9.94 -3.45 -1.95
N CYS A 43 10.07 -3.69 -3.25
CA CYS A 43 10.26 -5.05 -3.76
C CYS A 43 10.98 -5.01 -5.10
N GLY A 44 11.76 -3.96 -5.34
CA GLY A 44 12.48 -3.83 -6.58
C GLY A 44 13.89 -4.40 -6.49
N GLY A 1 -0.52 19.98 7.06
CA GLY A 1 -0.13 18.66 6.60
C GLY A 1 1.36 18.43 6.67
N SER A 2 1.75 17.24 7.13
CA SER A 2 3.17 16.90 7.24
C SER A 2 3.37 15.39 7.24
N MET A 3 2.74 14.72 8.20
CA MET A 3 2.84 13.27 8.32
C MET A 3 1.58 12.68 8.94
N ILE A 4 1.16 11.52 8.43
CA ILE A 4 -0.04 10.86 8.94
C ILE A 4 0.08 9.34 8.78
N THR A 5 -0.39 8.61 9.80
CA THR A 5 -0.35 7.16 9.78
C THR A 5 -1.67 6.57 9.32
N PRO A 6 -1.63 5.32 8.87
CA PRO A 6 -2.83 4.62 8.38
C PRO A 6 -3.79 4.28 9.51
N SER A 7 -5.07 4.10 9.17
CA SER A 7 -6.09 3.78 10.16
C SER A 7 -6.71 2.42 9.87
N CYS A 8 -5.89 1.49 9.39
CA CYS A 8 -6.36 0.14 9.06
C CYS A 8 -5.62 -0.90 9.90
N GLN A 9 -6.38 -1.83 10.48
CA GLN A 9 -5.80 -2.88 11.30
C GLN A 9 -4.92 -3.81 10.46
N LYS A 10 -4.32 -4.80 11.11
CA LYS A 10 -3.46 -5.76 10.42
C LYS A 10 -2.27 -5.06 9.78
N GLY A 11 -1.44 -5.82 9.07
CA GLY A 11 -0.28 -5.26 8.42
C GLY A 11 -0.61 -4.61 7.09
N TYR A 12 -1.59 -3.71 7.11
CA TYR A 12 -2.01 -3.01 5.89
C TYR A 12 -1.32 -1.66 5.77
N PHE A 13 -1.26 -1.14 4.55
CA PHE A 13 -0.62 0.14 4.29
C PHE A 13 -1.42 0.95 3.28
N PRO A 14 -1.24 2.28 3.30
CA PRO A 14 -1.92 3.19 2.39
C PRO A 14 -1.46 3.05 0.95
N CYS A 15 -2.39 3.15 0.01
CA CYS A 15 -2.06 3.03 -1.41
C CYS A 15 -1.43 4.32 -1.93
N GLY A 16 -0.32 4.72 -1.32
CA GLY A 16 0.37 5.93 -1.73
C GLY A 16 -0.35 7.18 -1.30
N ASN A 17 -1.03 7.83 -2.24
CA ASN A 17 -1.76 9.06 -1.94
C ASN A 17 -3.25 8.77 -1.76
N LEU A 18 -3.71 7.68 -2.37
CA LEU A 18 -5.11 7.30 -2.28
C LEU A 18 -5.48 6.92 -0.85
N THR A 19 -6.75 6.59 -0.63
CA THR A 19 -7.23 6.21 0.70
C THR A 19 -7.53 4.72 0.76
N LYS A 20 -6.93 3.95 -0.13
CA LYS A 20 -7.13 2.51 -0.17
C LYS A 20 -6.08 1.79 0.67
N CYS A 21 -6.52 0.79 1.44
CA CYS A 21 -5.63 0.02 2.28
C CYS A 21 -5.40 -1.37 1.71
N LEU A 22 -4.14 -1.72 1.48
CA LEU A 22 -3.78 -3.02 0.93
C LEU A 22 -3.29 -3.96 2.03
N PRO A 23 -3.46 -5.27 1.80
CA PRO A 23 -3.04 -6.30 2.75
C PRO A 23 -1.53 -6.41 2.87
N ARG A 24 -1.06 -7.12 3.90
CA ARG A 24 0.37 -7.30 4.12
C ARG A 24 0.95 -8.27 3.10
N ALA A 25 0.11 -9.12 2.52
CA ALA A 25 0.55 -10.09 1.53
C ALA A 25 1.00 -9.41 0.25
N PHE A 26 0.66 -8.13 0.11
CA PHE A 26 1.03 -7.36 -1.07
C PHE A 26 2.54 -7.36 -1.27
N HIS A 27 3.27 -7.62 -0.19
CA HIS A 27 4.74 -7.66 -0.25
C HIS A 27 5.22 -8.67 -1.29
N CYS A 28 5.66 -8.16 -2.43
CA CYS A 28 6.14 -9.02 -3.50
C CYS A 28 5.13 -10.10 -3.85
N ASP A 29 4.21 -9.78 -4.73
CA ASP A 29 3.17 -10.73 -5.15
C ASP A 29 3.29 -11.04 -6.63
N GLY A 30 3.79 -10.09 -7.41
CA GLY A 30 3.95 -10.28 -8.83
C GLY A 30 2.79 -9.71 -9.62
N LYS A 31 2.28 -8.56 -9.18
CA LYS A 31 1.16 -7.91 -9.85
C LYS A 31 0.79 -6.60 -9.15
N ASP A 32 0.38 -5.62 -9.93
CA ASP A 32 -0.02 -4.32 -9.38
C ASP A 32 -1.36 -4.41 -8.66
N ASP A 33 -1.39 -3.98 -7.42
CA ASP A 33 -2.62 -4.01 -6.62
C ASP A 33 -3.18 -2.60 -6.43
N CYS A 34 -2.32 -1.60 -6.62
CA CYS A 34 -2.72 -0.21 -6.45
C CYS A 34 -3.24 0.36 -7.78
N GLY A 35 -2.33 0.49 -8.74
CA GLY A 35 -2.71 1.02 -10.04
C GLY A 35 -1.90 2.25 -10.43
N ASN A 36 -1.43 2.98 -9.42
CA ASN A 36 -0.63 4.18 -9.67
C ASN A 36 0.86 3.86 -9.62
N GLY A 37 1.20 2.77 -8.95
CA GLY A 37 2.60 2.37 -8.84
C GLY A 37 3.19 2.68 -7.49
N ALA A 38 2.39 2.49 -6.43
CA ALA A 38 2.84 2.76 -5.08
C ALA A 38 3.08 1.46 -4.31
N ASP A 39 2.21 0.48 -4.54
CA ASP A 39 2.32 -0.81 -3.87
C ASP A 39 3.36 -1.69 -4.56
N GLU A 40 3.59 -1.44 -5.84
CA GLU A 40 4.54 -2.21 -6.62
C GLU A 40 5.97 -1.98 -6.09
N GLU A 41 6.19 -0.81 -5.51
CA GLU A 41 7.51 -0.47 -4.97
C GLU A 41 7.78 -1.24 -3.68
N ASN A 42 8.86 -0.89 -3.00
CA ASN A 42 9.24 -1.54 -1.75
C ASN A 42 9.56 -3.01 -2.00
N CYS A 43 9.88 -3.35 -3.25
CA CYS A 43 10.21 -4.71 -3.61
C CYS A 43 11.11 -4.75 -4.85
N GLY A 44 11.78 -3.63 -5.11
CA GLY A 44 12.67 -3.56 -6.26
C GLY A 44 14.02 -2.96 -5.91
N GLY A 1 8.77 12.82 10.80
CA GLY A 1 7.89 11.69 10.63
C GLY A 1 6.78 11.66 11.67
N SER A 2 5.99 10.59 11.67
CA SER A 2 4.89 10.45 12.61
C SER A 2 3.96 11.65 12.55
N MET A 3 3.51 11.99 11.34
CA MET A 3 2.61 13.11 11.15
C MET A 3 1.16 12.70 11.42
N ILE A 4 0.79 11.51 10.97
CA ILE A 4 -0.56 11.01 11.16
C ILE A 4 -0.55 9.53 11.53
N THR A 5 -1.54 9.11 12.31
CA THR A 5 -1.65 7.73 12.74
C THR A 5 -2.36 6.88 11.69
N PRO A 6 -2.16 5.55 11.76
CA PRO A 6 -2.77 4.61 10.82
C PRO A 6 -4.28 4.48 11.03
N SER A 7 -5.02 4.45 9.92
CA SER A 7 -6.47 4.33 9.98
C SER A 7 -6.93 2.97 9.47
N CYS A 8 -6.09 1.96 9.65
CA CYS A 8 -6.40 0.61 9.20
C CYS A 8 -5.85 -0.43 10.18
N GLN A 9 -6.53 -1.57 10.25
CA GLN A 9 -6.11 -2.65 11.14
C GLN A 9 -5.33 -3.72 10.39
N LYS A 10 -4.81 -4.69 11.12
CA LYS A 10 -4.04 -5.77 10.51
C LYS A 10 -2.77 -5.24 9.87
N GLY A 11 -2.10 -6.10 9.10
CA GLY A 11 -0.87 -5.69 8.43
C GLY A 11 -1.13 -4.99 7.12
N TYR A 12 -1.99 -3.98 7.13
CA TYR A 12 -2.33 -3.24 5.93
C TYR A 12 -1.66 -1.88 5.92
N PHE A 13 -1.53 -1.30 4.73
CA PHE A 13 -0.90 0.02 4.59
C PHE A 13 -1.58 0.84 3.50
N PRO A 14 -1.63 2.16 3.70
CA PRO A 14 -2.25 3.08 2.73
C PRO A 14 -1.45 3.20 1.44
N CYS A 15 -2.17 3.33 0.33
CA CYS A 15 -1.52 3.45 -0.98
C CYS A 15 -0.55 4.62 -1.00
N GLY A 16 0.20 4.75 -2.09
CA GLY A 16 1.16 5.83 -2.22
C GLY A 16 0.55 7.19 -1.92
N ASN A 17 -0.44 7.58 -2.71
CA ASN A 17 -1.11 8.86 -2.53
C ASN A 17 -2.58 8.66 -2.20
N LEU A 18 -3.15 7.56 -2.68
CA LEU A 18 -4.55 7.25 -2.44
C LEU A 18 -4.79 6.91 -0.97
N THR A 19 -6.05 6.65 -0.62
CA THR A 19 -6.41 6.32 0.75
C THR A 19 -6.84 4.86 0.86
N LYS A 20 -6.44 4.05 -0.11
CA LYS A 20 -6.79 2.63 -0.11
C LYS A 20 -5.76 1.82 0.66
N CYS A 21 -6.24 0.93 1.52
CA CYS A 21 -5.38 0.08 2.33
C CYS A 21 -5.20 -1.29 1.68
N LEU A 22 -3.95 -1.67 1.45
CA LEU A 22 -3.64 -2.96 0.84
C LEU A 22 -3.26 -3.98 1.90
N PRO A 23 -3.41 -5.27 1.57
CA PRO A 23 -3.07 -6.38 2.47
C PRO A 23 -1.58 -6.51 2.69
N ARG A 24 -1.20 -7.38 3.63
CA ARG A 24 0.21 -7.60 3.93
C ARG A 24 0.87 -8.44 2.83
N ALA A 25 0.08 -9.24 2.15
CA ALA A 25 0.60 -10.09 1.08
C ALA A 25 1.10 -9.25 -0.09
N PHE A 26 0.75 -7.97 -0.09
CA PHE A 26 1.17 -7.06 -1.16
C PHE A 26 2.68 -7.12 -1.35
N HIS A 27 3.40 -7.46 -0.30
CA HIS A 27 4.85 -7.56 -0.36
C HIS A 27 5.28 -8.53 -1.45
N CYS A 28 5.66 -7.99 -2.60
CA CYS A 28 6.10 -8.81 -3.73
C CYS A 28 5.09 -9.90 -4.03
N ASP A 29 4.09 -9.59 -4.84
CA ASP A 29 3.06 -10.54 -5.21
C ASP A 29 3.20 -10.96 -6.67
N GLY A 30 3.56 -10.01 -7.52
CA GLY A 30 3.71 -10.30 -8.93
C GLY A 30 3.50 -9.06 -9.80
N LYS A 31 2.49 -8.28 -9.46
CA LYS A 31 2.17 -7.07 -10.22
C LYS A 31 1.50 -6.03 -9.32
N ASP A 32 1.02 -4.95 -9.94
CA ASP A 32 0.34 -3.89 -9.20
C ASP A 32 -0.84 -4.44 -8.42
N ASP A 33 -1.00 -3.96 -7.18
CA ASP A 33 -2.08 -4.41 -6.33
C ASP A 33 -3.05 -3.26 -6.03
N CYS A 34 -2.53 -2.03 -6.10
CA CYS A 34 -3.33 -0.85 -5.83
C CYS A 34 -4.00 -0.34 -7.11
N GLY A 35 -3.18 0.09 -8.06
CA GLY A 35 -3.70 0.60 -9.32
C GLY A 35 -2.87 1.73 -9.88
N ASN A 36 -2.14 2.43 -9.01
CA ASN A 36 -1.30 3.54 -9.42
C ASN A 36 0.18 3.16 -9.32
N GLY A 37 0.45 1.87 -9.34
CA GLY A 37 1.83 1.40 -9.25
C GLY A 37 2.54 1.93 -8.02
N ALA A 38 1.78 2.17 -6.95
CA ALA A 38 2.36 2.67 -5.71
C ALA A 38 2.88 1.54 -4.84
N ASP A 39 1.98 0.64 -4.43
CA ASP A 39 2.35 -0.49 -3.60
C ASP A 39 3.46 -1.30 -4.25
N GLU A 40 3.54 -1.24 -5.57
CA GLU A 40 4.57 -1.97 -6.31
C GLU A 40 5.96 -1.67 -5.75
N GLU A 41 6.17 -0.43 -5.33
CA GLU A 41 7.45 -0.01 -4.77
C GLU A 41 7.82 -0.87 -3.57
N ASN A 42 8.98 -0.58 -2.98
CA ASN A 42 9.45 -1.32 -1.82
C ASN A 42 9.70 -2.79 -2.16
N CYS A 43 9.79 -3.07 -3.46
CA CYS A 43 10.03 -4.43 -3.92
C CYS A 43 10.70 -4.42 -5.29
N GLY A 44 11.37 -3.32 -5.61
CA GLY A 44 12.05 -3.21 -6.89
C GLY A 44 11.21 -2.51 -7.93
N GLY A 1 10.76 11.84 7.28
CA GLY A 1 9.54 12.63 7.35
C GLY A 1 8.38 11.84 7.91
N SER A 2 7.75 12.37 8.96
CA SER A 2 6.62 11.71 9.59
C SER A 2 5.96 12.62 10.63
N MET A 3 5.05 13.47 10.18
CA MET A 3 4.36 14.39 11.06
C MET A 3 2.96 13.88 11.38
N ILE A 4 2.25 13.41 10.36
CA ILE A 4 0.90 12.90 10.54
C ILE A 4 0.88 11.37 10.43
N THR A 5 0.06 10.74 11.26
CA THR A 5 -0.05 9.28 11.25
C THR A 5 -1.09 8.82 10.23
N PRO A 6 -0.99 7.55 9.82
CA PRO A 6 -1.92 6.96 8.85
C PRO A 6 -3.32 6.77 9.41
N SER A 7 -4.18 6.11 8.65
CA SER A 7 -5.56 5.87 9.08
C SER A 7 -5.99 4.45 8.73
N CYS A 8 -5.16 3.47 9.10
CA CYS A 8 -5.46 2.08 8.83
C CYS A 8 -5.00 1.19 9.98
N GLN A 9 -5.41 -0.08 9.94
CA GLN A 9 -5.04 -1.04 10.98
C GLN A 9 -4.65 -2.38 10.38
N LYS A 10 -4.28 -3.32 11.23
CA LYS A 10 -3.88 -4.65 10.79
C LYS A 10 -2.62 -4.58 9.93
N GLY A 11 -2.23 -5.71 9.36
CA GLY A 11 -1.05 -5.76 8.52
C GLY A 11 -1.19 -4.93 7.26
N TYR A 12 -2.42 -4.51 6.97
CA TYR A 12 -2.69 -3.71 5.79
C TYR A 12 -2.00 -2.35 5.88
N PHE A 13 -1.83 -1.70 4.73
CA PHE A 13 -1.19 -0.39 4.69
C PHE A 13 -1.80 0.48 3.61
N PRO A 14 -1.84 1.80 3.86
CA PRO A 14 -2.40 2.77 2.93
C PRO A 14 -1.55 2.94 1.68
N CYS A 15 -2.21 3.12 0.53
CA CYS A 15 -1.51 3.30 -0.73
C CYS A 15 -0.56 4.49 -0.67
N GLY A 16 0.27 4.63 -1.70
CA GLY A 16 1.21 5.73 -1.74
C GLY A 16 0.56 7.08 -1.50
N ASN A 17 -0.37 7.44 -2.39
CA ASN A 17 -1.07 8.71 -2.27
C ASN A 17 -2.56 8.48 -2.07
N LEU A 18 -3.07 7.37 -2.60
CA LEU A 18 -4.48 7.03 -2.47
C LEU A 18 -4.85 6.74 -1.02
N THR A 19 -6.13 6.46 -0.79
CA THR A 19 -6.61 6.15 0.55
C THR A 19 -7.04 4.68 0.66
N LYS A 20 -6.55 3.86 -0.26
CA LYS A 20 -6.89 2.44 -0.27
C LYS A 20 -5.86 1.63 0.51
N CYS A 21 -6.33 0.67 1.30
CA CYS A 21 -5.45 -0.16 2.09
C CYS A 21 -5.30 -1.55 1.46
N LEU A 22 -4.06 -1.97 1.24
CA LEU A 22 -3.79 -3.26 0.63
C LEU A 22 -3.41 -4.29 1.70
N PRO A 23 -3.60 -5.58 1.38
CA PRO A 23 -3.29 -6.67 2.30
C PRO A 23 -1.80 -6.84 2.51
N ARG A 24 -1.42 -7.71 3.46
CA ARG A 24 -0.02 -7.97 3.76
C ARG A 24 0.61 -8.83 2.67
N ALA A 25 -0.21 -9.58 1.96
CA ALA A 25 0.29 -10.45 0.88
C ALA A 25 0.85 -9.63 -0.26
N PHE A 26 0.56 -8.33 -0.26
CA PHE A 26 1.04 -7.44 -1.30
C PHE A 26 2.57 -7.47 -1.39
N HIS A 27 3.21 -7.91 -0.30
CA HIS A 27 4.66 -7.99 -0.25
C HIS A 27 5.20 -8.85 -1.40
N CYS A 28 5.66 -8.19 -2.46
CA CYS A 28 6.20 -8.89 -3.62
C CYS A 28 5.16 -9.83 -4.21
N ASP A 29 4.48 -9.37 -5.25
CA ASP A 29 3.46 -10.17 -5.92
C ASP A 29 3.81 -10.40 -7.38
N GLY A 30 4.31 -9.35 -8.04
CA GLY A 30 4.68 -9.47 -9.43
C GLY A 30 4.07 -8.37 -10.29
N LYS A 31 2.92 -7.87 -9.86
CA LYS A 31 2.24 -6.81 -10.60
C LYS A 31 1.62 -5.80 -9.65
N ASP A 32 1.00 -4.76 -10.20
CA ASP A 32 0.36 -3.73 -9.38
C ASP A 32 -0.87 -4.28 -8.68
N ASP A 33 -1.02 -3.93 -7.40
CA ASP A 33 -2.15 -4.38 -6.61
C ASP A 33 -3.09 -3.23 -6.27
N CYS A 34 -2.50 -2.05 -6.06
CA CYS A 34 -3.28 -0.86 -5.72
C CYS A 34 -3.98 -0.31 -6.96
N GLY A 35 -3.32 -0.41 -8.11
CA GLY A 35 -3.90 0.09 -9.35
C GLY A 35 -3.31 1.42 -9.77
N ASN A 36 -2.62 2.07 -8.84
CA ASN A 36 -2.01 3.38 -9.12
C ASN A 36 -0.51 3.22 -9.35
N GLY A 37 0.07 2.18 -8.77
CA GLY A 37 1.50 1.95 -8.91
C GLY A 37 2.30 2.48 -7.74
N ALA A 38 1.85 2.16 -6.53
CA ALA A 38 2.52 2.61 -5.33
C ALA A 38 2.98 1.43 -4.48
N ASP A 39 2.05 0.54 -4.15
CA ASP A 39 2.35 -0.64 -3.35
C ASP A 39 3.42 -1.49 -4.03
N GLU A 40 3.57 -1.32 -5.35
CA GLU A 40 4.54 -2.08 -6.11
C GLU A 40 5.94 -1.91 -5.54
N GLU A 41 6.23 -0.72 -5.01
CA GLU A 41 7.52 -0.42 -4.43
C GLU A 41 7.75 -1.26 -3.16
N ASN A 42 8.81 -0.93 -2.43
CA ASN A 42 9.14 -1.64 -1.20
C ASN A 42 9.49 -3.09 -1.50
N CYS A 43 9.76 -3.38 -2.76
CA CYS A 43 10.12 -4.74 -3.19
C CYS A 43 10.96 -4.72 -4.46
N GLY A 44 11.63 -3.59 -4.69
CA GLY A 44 12.47 -3.46 -5.88
C GLY A 44 13.93 -3.74 -5.58
#